data_6XMS
#
_entry.id   6XMS
#
_cell.length_a   1.00
_cell.length_b   1.00
_cell.length_c   1.00
_cell.angle_alpha   90.00
_cell.angle_beta   90.00
_cell.angle_gamma   90.00
#
_symmetry.space_group_name_H-M   'P 1'
#
loop_
_entity.id
_entity.type
_entity.pdbx_description
1 polymer 'P5A-type ATPase'
2 non-polymer 'MAGNESIUM ION'
3 non-polymer 'TETRAFLUOROALUMINATE ION'
#
_entity_poly.entity_id   1
_entity_poly.type   'polypeptide(L)'
_entity_poly.pdbx_seq_one_letter_code
;MTKKSFVSSPIVRDSTLLVPKSLIAKPYVLPFFPLYATFAQLYFQQYDRYIKGPEWTFVYLGTLVSLNILVMLMPAWNVK
IKAKFNYSTTKNVNEATHILIYTTPNNGSDGIVEIQRVTEAGSLQTFFQFQKKRFLWHENEQVFSSPKFLVDESPKIGDF
QKCKGHSGDLTHLKRLYGENSFDIPIPTFMELFKEHAVAPLFVFQVFCVALWLLDEFWYYSLFNLFMIISMEAAAVFQRL
TALKEFRTMGIKPYTINVFRNKKWVALQTNELLPMDLVSITRTAEESAIPCDLILLDGSAIVNEAMLSGESTPLLKESIK
LRPSEDNLQLDGVDKIAVLHGGTKALQVTPPEHKSDIPPPPDGGALAIVTKTGFETSQGSLVRVMIYSAERVSVDNKEAL
MFILFLLIFAVIASWYVWVEGTKMGRIQSKLILDCILIITSVVPPELPMELTMAVNSSLAALAKFYVYCTEPFRIPFAGR
IDVCCFDKTGTLTGEDLVFEGLAGISADSENIRHLYSAAEAPESTILVIGAAHALVKLEDGDIVGDPMEKATLKAVGWAV
ERKNSNYREGTGKLDIIRRFQFSSALKRSASIASHNDALFAAVKGAPETIRERLSDIPKNYDEIYKSFTRSGSRVLALAS
KSLPKMSQSKIDDLNRDDVESELTFNGFLIFHCPLKDDAIETIKMLNESSHRSIMITGDNPLTAVHVAKEVGIVFGETLI
LDRAGKSDDNQLLFRDVEETVSIPFDPSKDTFDHSKLFDRYDIAVTGYALNALEGHSQLRDLLRHTWVYARVSPSQKEFL
LNTLKDMGYQTLMCGDGTNDVGALKQAHVGIALLNGTEEGLKKLGEQRRLEGMKMMYIKQTEFMARWNQPQPPVPEPIAH
LFPPGPKNPHYLKALESKGTVITPEIRKAVEEANSKPVEVIKPNGLSEKKPADLASLLLNSAGDAQGDEAPALKLGDASC
AAPFTSKLANVSAVTNIIRQGRCALVNTIQMYKILALNCLISAYSLSIIYMAGVKFGDGQATVSGLLLSVCFLSISRGKP
LEKLSKQRPQSGIFNVYIMGSILSQFAVHIATLVYITTEIYKLEPREPQVDLEKEFAPSLLNTGIFIIQLVQQVSTFAVN
YQGEPFRENIRSNKGMYYGLLGVTGLALASATEFLPELNEAMKFVPMTDDFKIKLTLTLLLDFFGSWGVEHFFKFFFMDD
KPSDISVQQVKIASKGATGGSTAGGATTASGTGENLYFQ
;
_entity_poly.pdbx_strand_id   A
#
# COMPACT_ATOMS: atom_id res chain seq x y z
N LYS A 4 2.63 35.60 21.29
CA LYS A 4 3.95 34.96 21.26
C LYS A 4 4.25 34.40 19.89
N SER A 5 4.61 33.13 19.84
CA SER A 5 5.02 32.46 18.61
C SER A 5 4.11 31.27 18.35
N PHE A 6 3.57 31.20 17.14
CA PHE A 6 2.71 30.09 16.76
C PHE A 6 3.04 29.69 15.33
N VAL A 7 2.42 28.62 14.86
CA VAL A 7 2.49 28.20 13.47
C VAL A 7 1.07 27.86 13.01
N SER A 8 0.66 28.43 11.88
CA SER A 8 -0.68 28.21 11.32
C SER A 8 -0.54 27.36 10.07
N SER A 9 -0.98 26.11 10.17
CA SER A 9 -0.94 25.18 9.04
C SER A 9 -1.76 23.94 9.39
N PRO A 10 -2.34 23.25 8.41
CA PRO A 10 -3.13 22.06 8.72
C PRO A 10 -2.33 20.92 9.33
N ILE A 11 -1.00 20.96 9.24
CA ILE A 11 -0.19 19.88 9.79
C ILE A 11 0.02 20.09 11.29
N VAL A 12 0.33 21.30 11.70
CA VAL A 12 0.72 21.57 13.07
C VAL A 12 -0.50 21.71 13.97
N ARG A 13 -0.30 21.45 15.26
CA ARG A 13 -1.30 21.67 16.29
C ARG A 13 -0.89 22.71 17.31
N ASP A 14 0.38 22.73 17.70
CA ASP A 14 0.89 23.70 18.66
C ASP A 14 2.40 23.70 18.58
N SER A 15 3.01 24.78 19.09
CA SER A 15 4.46 24.86 19.09
C SER A 15 4.92 25.87 20.12
N THR A 16 6.07 25.59 20.72
CA THR A 16 6.68 26.46 21.72
C THR A 16 8.15 26.66 21.38
N LEU A 17 8.64 27.89 21.50
CA LEU A 17 10.01 28.16 21.16
C LEU A 17 10.96 27.63 22.24
N LEU A 18 12.21 27.40 21.85
CA LEU A 18 13.20 26.80 22.72
C LEU A 18 14.51 27.55 22.62
N VAL A 19 15.42 27.28 23.54
CA VAL A 19 16.76 27.86 23.53
C VAL A 19 17.66 26.92 24.34
N PRO A 20 18.86 26.58 23.87
CA PRO A 20 19.65 25.56 24.54
C PRO A 20 20.15 26.01 25.91
N LYS A 21 20.45 25.02 26.74
CA LYS A 21 20.99 25.23 28.08
C LYS A 21 22.47 24.90 28.11
N SER A 22 23.21 25.62 28.94
CA SER A 22 24.63 25.32 29.12
C SER A 22 24.79 23.95 29.75
N LEU A 23 25.99 23.38 29.60
CA LEU A 23 26.20 21.99 29.97
C LEU A 23 26.06 21.78 31.49
N ILE A 24 26.31 22.82 32.28
CA ILE A 24 26.24 22.67 33.73
C ILE A 24 24.79 22.46 34.17
N ALA A 25 23.84 23.12 33.51
CA ALA A 25 22.47 23.12 33.97
C ALA A 25 21.66 21.91 33.51
N LYS A 26 22.24 21.04 32.68
CA LYS A 26 21.53 19.87 32.21
C LYS A 26 21.25 18.93 33.38
N PRO A 27 20.24 18.08 33.26
CA PRO A 27 19.87 17.22 34.40
C PRO A 27 20.84 16.09 34.67
N TYR A 28 21.77 15.78 33.76
CA TYR A 28 22.62 14.60 33.93
C TYR A 28 24.05 14.94 34.31
N VAL A 29 24.35 16.18 34.68
CA VAL A 29 25.70 16.57 35.08
C VAL A 29 25.71 17.10 36.50
N LEU A 30 24.90 18.11 36.80
CA LEU A 30 24.96 18.73 38.12
C LEU A 30 24.35 17.87 39.22
N PRO A 31 23.11 17.37 39.11
CA PRO A 31 22.51 16.70 40.27
C PRO A 31 23.21 15.43 40.71
N PHE A 32 24.17 14.93 39.94
CA PHE A 32 24.81 13.65 40.27
C PHE A 32 26.11 13.79 41.03
N PHE A 33 26.73 14.98 41.04
CA PHE A 33 27.96 15.15 41.79
C PHE A 33 27.82 14.88 43.29
N PRO A 34 26.74 15.29 43.97
CA PRO A 34 26.60 14.88 45.38
C PRO A 34 26.60 13.38 45.58
N LEU A 35 26.01 12.61 44.66
CA LEU A 35 25.98 11.17 44.82
C LEU A 35 27.38 10.56 44.66
N TYR A 36 28.13 11.03 43.66
CA TYR A 36 29.50 10.57 43.50
C TYR A 36 30.35 10.92 44.71
N ALA A 37 30.18 12.13 45.25
CA ALA A 37 30.93 12.52 46.44
C ALA A 37 30.55 11.66 47.64
N THR A 38 29.26 11.35 47.79
CA THR A 38 28.82 10.49 48.88
C THR A 38 29.43 9.10 48.76
N PHE A 39 29.48 8.57 47.53
CA PHE A 39 30.12 7.27 47.33
C PHE A 39 31.60 7.33 47.69
N ALA A 40 32.29 8.38 47.24
CA ALA A 40 33.72 8.49 47.52
C ALA A 40 33.98 8.64 49.01
N GLN A 41 33.07 9.28 49.73
CA GLN A 41 33.24 9.44 51.17
C GLN A 41 32.93 8.14 51.92
N LEU A 42 31.87 7.44 51.53
CA LEU A 42 31.49 6.22 52.22
C LEU A 42 32.47 5.09 51.95
N TYR A 43 33.06 5.06 50.74
CA TYR A 43 34.04 4.02 50.44
C TYR A 43 35.30 4.21 51.26
N PHE A 44 35.77 5.44 51.38
CA PHE A 44 36.98 5.73 52.16
C PHE A 44 36.62 6.18 53.57
N GLU A 55 33.08 -6.49 47.48
CA GLU A 55 32.19 -6.89 48.55
C GLU A 55 30.74 -6.61 48.19
N TRP A 56 30.08 -5.78 49.01
CA TRP A 56 28.68 -5.42 48.81
C TRP A 56 28.51 -4.01 48.27
N THR A 57 29.58 -3.26 48.11
CA THR A 57 29.49 -1.87 47.68
C THR A 57 29.68 -1.68 46.18
N PHE A 58 30.21 -2.67 45.47
CA PHE A 58 30.43 -2.51 44.04
C PHE A 58 29.11 -2.44 43.28
N VAL A 59 28.07 -3.12 43.77
CA VAL A 59 26.76 -3.05 43.12
C VAL A 59 26.19 -1.64 43.22
N TYR A 60 26.53 -0.91 44.29
CA TYR A 60 26.08 0.48 44.41
C TYR A 60 26.65 1.34 43.29
N LEU A 61 27.96 1.27 43.09
CA LEU A 61 28.58 2.01 42.00
C LEU A 61 28.03 1.55 40.65
N GLY A 62 27.80 0.25 40.49
CA GLY A 62 27.24 -0.25 39.25
C GLY A 62 25.90 0.37 38.92
N THR A 63 24.97 0.34 39.88
CA THR A 63 23.65 0.90 39.60
C THR A 63 23.70 2.42 39.48
N LEU A 64 24.64 3.08 40.17
CA LEU A 64 24.76 4.53 40.00
C LEU A 64 25.18 4.89 38.58
N VAL A 65 26.23 4.23 38.08
CA VAL A 65 26.66 4.50 36.71
C VAL A 65 25.57 4.12 35.72
N SER A 66 24.83 3.05 36.01
CA SER A 66 23.76 2.64 35.10
C SER A 66 22.66 3.70 35.03
N LEU A 67 22.23 4.20 36.19
CA LEU A 67 21.20 5.24 36.18
C LEU A 67 21.70 6.51 35.49
N ASN A 68 22.99 6.83 35.67
CA ASN A 68 23.53 8.01 35.01
C ASN A 68 23.50 7.85 33.49
N ILE A 69 23.95 6.70 32.99
CA ILE A 69 23.93 6.48 31.55
C ILE A 69 22.50 6.45 31.02
N LEU A 70 21.57 5.92 31.80
CA LEU A 70 20.18 5.87 31.33
C LEU A 70 19.58 7.27 31.25
N VAL A 71 19.84 8.11 32.25
CA VAL A 71 19.36 9.49 32.17
C VAL A 71 20.04 10.24 31.04
N MET A 72 21.31 9.91 30.75
CA MET A 72 21.98 10.56 29.64
C MET A 72 21.40 10.14 28.30
N LEU A 73 20.96 8.90 28.17
CA LEU A 73 20.39 8.40 26.92
C LEU A 73 18.92 8.72 26.74
N MET A 74 18.21 9.03 27.82
CA MET A 74 16.76 9.20 27.72
C MET A 74 16.31 10.28 26.74
N PRO A 75 17.01 11.41 26.56
CA PRO A 75 16.53 12.38 25.55
C PRO A 75 16.44 11.82 24.14
N ALA A 76 17.19 10.78 23.80
CA ALA A 76 17.18 10.28 22.43
C ALA A 76 16.00 9.38 22.13
N TRP A 77 15.28 8.90 23.15
CA TRP A 77 14.17 8.00 22.91
C TRP A 77 12.88 8.77 22.62
N ASN A 78 12.67 9.89 23.29
CA ASN A 78 11.46 10.68 23.13
C ASN A 78 11.81 12.09 22.72
N VAL A 79 10.81 12.85 22.29
CA VAL A 79 11.02 14.23 21.89
C VAL A 79 10.60 15.21 22.99
N LYS A 80 9.49 14.95 23.67
CA LYS A 80 9.09 15.81 24.76
C LYS A 80 10.12 15.80 25.88
N ILE A 81 10.68 14.63 26.19
CA ILE A 81 11.75 14.54 27.17
C ILE A 81 12.95 15.36 26.71
N LYS A 82 13.23 15.35 25.40
CA LYS A 82 14.35 16.12 24.88
C LYS A 82 14.14 17.60 25.08
N ALA A 83 12.95 18.10 24.73
CA ALA A 83 12.64 19.51 24.88
C ALA A 83 12.53 19.93 26.34
N LYS A 84 12.28 18.99 27.24
CA LYS A 84 12.22 19.35 28.66
C LYS A 84 13.59 19.28 29.32
N PHE A 85 14.48 18.42 28.84
CA PHE A 85 15.82 18.32 29.43
C PHE A 85 16.75 19.38 28.86
N ASN A 86 16.93 19.39 27.53
CA ASN A 86 18.00 20.17 26.94
C ASN A 86 17.64 21.65 26.79
N TYR A 87 16.40 21.97 26.44
CA TYR A 87 16.03 23.33 26.07
C TYR A 87 15.04 23.93 27.05
N SER A 88 15.07 25.24 27.18
CA SER A 88 14.20 25.99 28.07
C SER A 88 13.28 26.88 27.23
N THR A 89 11.97 26.77 27.45
CA THR A 89 11.01 27.43 26.57
C THR A 89 11.04 28.94 26.76
N THR A 90 11.02 29.66 25.63
CA THR A 90 11.03 31.11 25.59
C THR A 90 9.89 31.60 24.71
N LYS A 91 9.53 32.88 24.88
CA LYS A 91 8.43 33.47 24.13
C LYS A 91 8.85 34.71 23.35
N ASN A 92 10.12 34.82 23.00
CA ASN A 92 10.63 35.91 22.18
C ASN A 92 11.22 35.30 20.92
N VAL A 93 10.67 35.67 19.76
CA VAL A 93 11.01 34.99 18.52
C VAL A 93 12.38 35.39 18.00
N ASN A 94 12.99 36.43 18.56
CA ASN A 94 14.28 36.89 18.06
C ASN A 94 15.45 36.18 18.73
N GLU A 95 15.21 35.43 19.80
CA GLU A 95 16.30 34.77 20.51
C GLU A 95 16.30 33.26 20.33
N ALA A 96 15.14 32.66 20.07
CA ALA A 96 15.04 31.20 19.99
C ALA A 96 15.98 30.65 18.93
N THR A 97 16.44 29.42 19.14
CA THR A 97 17.22 28.72 18.13
C THR A 97 16.65 27.36 17.79
N HIS A 98 15.43 27.07 18.21
CA HIS A 98 14.73 25.86 17.82
C HIS A 98 13.24 26.10 18.04
N ILE A 99 12.43 25.14 17.63
CA ILE A 99 10.99 25.21 17.86
C ILE A 99 10.41 23.81 17.76
N LEU A 100 9.62 23.44 18.76
CA LEU A 100 9.05 22.10 18.86
C LEU A 100 7.67 22.10 18.23
N ILE A 101 7.48 21.27 17.20
CA ILE A 101 6.26 21.27 16.40
C ILE A 101 5.41 20.08 16.82
N TYR A 102 4.21 20.37 17.32
CA TYR A 102 3.26 19.34 17.69
C TYR A 102 2.36 19.06 16.49
N THR A 103 2.45 17.85 15.95
CA THR A 103 1.72 17.52 14.73
C THR A 103 0.27 17.19 15.03
N THR A 104 -0.55 17.28 13.99
CA THR A 104 -1.96 16.92 14.07
C THR A 104 -2.08 15.40 14.16
N PRO A 105 -3.21 14.88 14.66
CA PRO A 105 -3.28 13.44 14.93
C PRO A 105 -3.13 12.53 13.72
N ASN A 106 -3.17 13.06 12.50
CA ASN A 106 -3.10 12.20 11.32
C ASN A 106 -1.91 12.47 10.41
N ASN A 107 -0.99 13.36 10.78
CA ASN A 107 0.16 13.67 9.93
C ASN A 107 1.44 13.44 10.72
N GLY A 108 2.12 12.34 10.41
CA GLY A 108 3.46 12.05 10.90
C GLY A 108 3.56 12.08 12.42
N SER A 109 4.73 12.49 12.89
CA SER A 109 5.03 12.53 14.32
C SER A 109 5.66 13.86 14.67
N ASP A 110 5.67 14.16 15.97
CA ASP A 110 6.23 15.43 16.44
C ASP A 110 7.72 15.50 16.13
N GLY A 111 8.28 16.68 16.27
CA GLY A 111 9.69 16.87 16.01
C GLY A 111 10.15 18.24 16.41
N ILE A 112 11.47 18.38 16.51
CA ILE A 112 12.12 19.65 16.81
C ILE A 112 12.89 20.09 15.58
N VAL A 113 12.62 21.31 15.12
CA VAL A 113 13.22 21.83 13.91
C VAL A 113 13.98 23.12 14.23
N GLU A 114 14.97 23.43 13.41
CA GLU A 114 15.89 24.52 13.68
C GLU A 114 15.47 25.79 12.94
N ILE A 115 15.35 26.88 13.68
CA ILE A 115 15.09 28.20 13.11
C ILE A 115 16.38 28.75 12.51
N GLN A 116 16.29 29.26 11.29
CA GLN A 116 17.43 29.81 10.59
C GLN A 116 17.20 31.30 10.33
N ARG A 117 18.29 32.04 10.15
CA ARG A 117 18.20 33.47 9.91
C ARG A 117 19.15 33.86 8.77
N VAL A 118 18.72 34.80 7.94
CA VAL A 118 19.53 35.30 6.83
C VAL A 118 18.93 36.61 6.37
N THR A 119 19.80 37.55 6.00
CA THR A 119 19.38 38.88 5.59
C THR A 119 19.38 39.00 4.07
N GLU A 120 18.36 39.67 3.54
CA GLU A 120 18.18 39.85 2.11
C GLU A 120 17.60 41.23 1.85
N ALA A 121 18.23 41.98 0.95
CA ALA A 121 17.79 43.32 0.58
C ALA A 121 17.63 44.24 1.78
N GLY A 122 18.39 43.98 2.85
CA GLY A 122 18.35 44.81 4.02
C GLY A 122 17.32 44.44 5.07
N SER A 123 16.65 43.29 4.92
CA SER A 123 15.65 42.86 5.89
C SER A 123 15.75 41.35 6.05
N LEU A 124 16.00 40.90 7.28
CA LEU A 124 16.20 39.49 7.52
C LEU A 124 14.87 38.75 7.54
N GLN A 125 14.93 37.46 7.18
CA GLN A 125 13.72 36.64 7.04
C GLN A 125 13.93 35.33 7.78
N THR A 126 13.23 35.17 8.90
CA THR A 126 13.38 34.03 9.80
C THR A 126 12.51 32.87 9.32
N PHE A 127 13.12 31.72 9.09
CA PHE A 127 12.36 30.60 8.54
C PHE A 127 12.88 29.28 9.07
N PHE A 128 12.10 28.23 8.83
CA PHE A 128 12.54 26.87 9.06
C PHE A 128 11.86 25.97 8.03
N GLN A 129 11.86 24.66 8.28
CA GLN A 129 11.38 23.72 7.29
C GLN A 129 11.01 22.42 7.97
N PHE A 130 9.73 22.04 7.91
CA PHE A 130 9.21 20.87 8.61
C PHE A 130 8.59 19.93 7.59
N GLN A 131 9.10 18.70 7.53
CA GLN A 131 8.62 17.68 6.59
C GLN A 131 8.77 18.16 5.14
N LYS A 132 9.88 18.85 4.85
CA LYS A 132 10.14 19.42 3.53
C LYS A 132 9.01 20.34 3.08
N LYS A 133 8.30 20.94 4.02
CA LYS A 133 7.24 21.91 3.74
C LYS A 133 7.65 23.23 4.39
N ARG A 134 7.98 24.22 3.58
CA ARG A 134 8.63 25.42 4.08
C ARG A 134 7.69 26.20 5.01
N PHE A 135 8.30 27.08 5.80
CA PHE A 135 7.59 28.09 6.56
C PHE A 135 8.41 29.37 6.49
N LEU A 136 7.78 30.50 6.84
CA LEU A 136 8.45 31.78 6.85
C LEU A 136 7.93 32.56 8.06
N TRP A 137 8.43 33.78 8.24
CA TRP A 137 8.02 34.61 9.38
C TRP A 137 7.32 35.85 8.86
N HIS A 138 5.99 35.84 8.87
CA HIS A 138 5.19 36.99 8.46
C HIS A 138 5.08 37.94 9.63
N GLU A 139 5.75 39.08 9.54
CA GLU A 139 5.92 39.95 10.70
C GLU A 139 4.59 40.53 11.17
N ASN A 140 3.73 40.97 10.25
CA ASN A 140 2.50 41.65 10.64
C ASN A 140 1.54 40.70 11.35
N GLU A 141 1.61 39.40 11.07
CA GLU A 141 0.82 38.42 11.79
C GLU A 141 1.59 37.71 12.90
N GLN A 142 2.92 37.75 12.85
CA GLN A 142 3.79 37.16 13.86
C GLN A 142 3.62 35.64 13.96
N VAL A 143 3.27 34.99 12.86
CA VAL A 143 3.05 33.55 12.86
C VAL A 143 3.69 32.94 11.63
N PHE A 144 4.33 31.80 11.80
CA PHE A 144 4.94 31.09 10.68
C PHE A 144 3.86 30.53 9.77
N SER A 145 3.91 30.88 8.49
CA SER A 145 2.84 30.53 7.57
C SER A 145 3.41 30.02 6.25
N SER A 146 2.97 28.83 5.84
CA SER A 146 3.44 28.21 4.61
C SER A 146 3.10 29.08 3.41
N PRO A 147 3.80 28.93 2.28
CA PRO A 147 3.48 29.72 1.09
C PRO A 147 2.17 29.28 0.45
N LYS A 148 1.37 30.26 0.05
CA LYS A 148 0.06 30.03 -0.54
C LYS A 148 0.07 30.50 -2.00
N PHE A 149 -0.03 29.56 -2.92
CA PHE A 149 0.02 29.89 -4.34
C PHE A 149 -1.27 30.59 -4.77
N LEU A 150 -1.18 31.32 -5.88
CA LEU A 150 -2.33 32.11 -6.31
C LEU A 150 -3.43 31.22 -6.89
N VAL A 151 -3.07 30.10 -7.52
CA VAL A 151 -4.09 29.25 -8.12
C VAL A 151 -4.94 28.56 -7.05
N ASP A 152 -4.46 28.50 -5.81
CA ASP A 152 -5.23 27.85 -4.75
C ASP A 152 -6.53 28.60 -4.49
N GLU A 153 -6.43 29.89 -4.15
CA GLU A 153 -7.61 30.72 -4.06
C GLU A 153 -8.12 31.05 -5.46
N SER A 154 -9.41 31.30 -5.57
CA SER A 154 -10.08 31.45 -6.87
C SER A 154 -9.60 32.69 -7.60
N PRO A 155 -8.87 32.58 -8.71
CA PRO A 155 -8.46 33.75 -9.46
C PRO A 155 -9.37 34.04 -10.65
N LYS A 156 -9.41 35.29 -11.09
CA LYS A 156 -9.99 35.60 -12.38
C LYS A 156 -8.96 35.34 -13.47
N ILE A 157 -9.38 34.72 -14.57
CA ILE A 157 -8.43 34.29 -15.59
C ILE A 157 -7.90 35.49 -16.37
N GLY A 158 -8.37 36.69 -16.02
CA GLY A 158 -7.78 37.88 -16.62
C GLY A 158 -6.31 38.02 -16.27
N ASP A 159 -5.98 37.87 -14.98
CA ASP A 159 -4.59 37.98 -14.57
C ASP A 159 -3.74 36.83 -15.09
N PHE A 160 -4.36 35.66 -15.31
CA PHE A 160 -3.62 34.57 -15.91
C PHE A 160 -3.30 34.85 -17.37
N GLN A 161 -4.27 35.39 -18.11
CA GLN A 161 -4.01 35.71 -19.51
C GLN A 161 -3.00 36.84 -19.65
N LYS A 162 -3.02 37.80 -18.74
CA LYS A 162 -2.18 38.98 -18.90
C LYS A 162 -0.74 38.78 -18.41
N CYS A 163 -0.45 37.68 -17.71
CA CYS A 163 0.88 37.51 -17.14
C CYS A 163 1.94 37.42 -18.22
N LYS A 164 3.09 38.05 -17.98
CA LYS A 164 4.15 38.15 -18.98
C LYS A 164 5.52 37.85 -18.40
N GLY A 165 5.61 36.94 -17.43
CA GLY A 165 6.89 36.45 -16.97
C GLY A 165 7.53 37.34 -15.93
N HIS A 166 8.40 36.74 -15.12
CA HIS A 166 9.11 37.47 -14.08
C HIS A 166 10.14 38.40 -14.69
N SER A 167 10.23 39.60 -14.13
CA SER A 167 11.18 40.61 -14.58
C SER A 167 11.88 41.21 -13.37
N GLY A 168 13.15 41.56 -13.55
CA GLY A 168 13.91 42.13 -12.47
C GLY A 168 14.46 41.08 -11.52
N ASP A 169 14.98 41.55 -10.39
CA ASP A 169 15.54 40.66 -9.40
C ASP A 169 14.44 39.98 -8.59
N LEU A 170 14.60 38.68 -8.36
CA LEU A 170 13.55 37.86 -7.77
C LEU A 170 14.14 36.93 -6.70
N THR A 171 14.95 37.49 -5.81
CA THR A 171 15.48 36.68 -4.71
C THR A 171 14.42 36.38 -3.67
N HIS A 172 13.48 37.31 -3.47
CA HIS A 172 12.42 37.06 -2.49
C HIS A 172 11.54 35.90 -2.92
N LEU A 173 11.23 35.79 -4.21
CA LEU A 173 10.46 34.65 -4.69
C LEU A 173 11.25 33.37 -4.54
N LYS A 174 12.56 33.43 -4.76
CA LYS A 174 13.42 32.27 -4.54
C LYS A 174 13.35 31.80 -3.10
N ARG A 175 13.24 32.74 -2.16
CA ARG A 175 13.14 32.36 -0.75
C ARG A 175 11.74 31.90 -0.37
N LEU A 176 10.72 32.47 -1.01
CA LEU A 176 9.34 32.19 -0.63
C LEU A 176 8.88 30.84 -1.15
N TYR A 177 9.14 30.56 -2.44
CA TYR A 177 8.67 29.32 -3.06
C TYR A 177 9.74 28.25 -3.18
N GLY A 178 11.00 28.63 -3.28
CA GLY A 178 12.08 27.67 -3.32
C GLY A 178 12.24 27.01 -4.68
N GLU A 179 13.34 26.27 -4.80
CA GLU A 179 13.66 25.63 -6.07
C GLU A 179 12.70 24.50 -6.38
N ASN A 180 12.53 24.23 -7.66
CA ASN A 180 11.56 23.24 -8.15
C ASN A 180 12.27 21.91 -8.36
N SER A 181 12.32 21.12 -7.29
CA SER A 181 12.93 19.79 -7.36
C SER A 181 12.63 19.03 -6.09
N PHE A 182 12.44 17.72 -6.22
CA PHE A 182 12.29 16.87 -5.05
C PHE A 182 13.60 16.83 -4.27
N ASP A 183 13.50 16.99 -2.95
CA ASP A 183 14.68 17.02 -2.08
C ASP A 183 14.64 15.79 -1.19
N ILE A 184 15.15 14.68 -1.70
CA ILE A 184 15.21 13.43 -0.95
C ILE A 184 16.68 13.09 -0.71
N PRO A 185 17.23 13.38 0.45
CA PRO A 185 18.65 13.08 0.70
C PRO A 185 18.84 11.70 1.29
N ILE A 186 19.80 10.97 0.76
CA ILE A 186 20.17 9.65 1.27
C ILE A 186 21.33 9.83 2.23
N PRO A 187 21.17 9.49 3.51
CA PRO A 187 22.26 9.69 4.47
C PRO A 187 23.33 8.62 4.32
N THR A 188 24.55 9.00 4.65
CA THR A 188 25.66 8.05 4.62
C THR A 188 25.36 6.90 5.59
N PHE A 189 25.99 5.75 5.32
CA PHE A 189 25.74 4.57 6.13
C PHE A 189 26.04 4.83 7.61
N MET A 190 27.14 5.52 7.90
CA MET A 190 27.48 5.76 9.29
C MET A 190 26.52 6.75 9.94
N GLU A 191 26.08 7.76 9.19
CA GLU A 191 25.14 8.73 9.75
C GLU A 191 23.77 8.12 10.03
N LEU A 192 23.49 6.93 9.50
CA LEU A 192 22.25 6.23 9.80
C LEU A 192 22.43 5.16 10.85
N PHE A 193 23.57 4.46 10.84
CA PHE A 193 23.87 3.54 11.91
C PHE A 193 24.02 4.25 13.24
N LYS A 194 24.49 5.51 13.21
CA LYS A 194 24.55 6.30 14.43
C LYS A 194 23.16 6.58 14.98
N GLU A 195 22.14 6.63 14.12
CA GLU A 195 20.78 6.84 14.58
C GLU A 195 20.10 5.55 15.00
N HIS A 196 20.54 4.42 14.45
CA HIS A 196 20.00 3.14 14.90
C HIS A 196 20.67 2.61 16.15
N ALA A 197 21.91 3.00 16.42
CA ALA A 197 22.64 2.45 17.55
C ALA A 197 22.16 3.00 18.89
N VAL A 198 21.28 4.01 18.88
CA VAL A 198 20.80 4.60 20.13
C VAL A 198 19.38 4.14 20.47
N ALA A 199 18.73 3.40 19.58
CA ALA A 199 17.38 2.94 19.83
C ALA A 199 17.32 2.11 21.13
N PRO A 200 16.16 2.03 21.78
CA PRO A 200 16.09 1.29 23.05
C PRO A 200 16.42 -0.19 22.91
N LEU A 201 16.10 -0.78 21.76
CA LEU A 201 16.27 -2.22 21.61
C LEU A 201 17.75 -2.59 21.50
N PHE A 202 18.51 -1.86 20.70
CA PHE A 202 19.94 -2.12 20.58
C PHE A 202 20.66 -1.84 21.89
N VAL A 203 20.25 -0.79 22.60
CA VAL A 203 20.85 -0.50 23.89
C VAL A 203 20.59 -1.63 24.87
N PHE A 204 19.36 -2.15 24.88
CA PHE A 204 19.06 -3.27 25.77
C PHE A 204 19.88 -4.50 25.40
N GLN A 205 20.07 -4.76 24.11
CA GLN A 205 20.82 -5.95 23.72
C GLN A 205 22.30 -5.83 24.10
N VAL A 206 22.88 -4.64 23.92
CA VAL A 206 24.26 -4.47 24.35
C VAL A 206 24.36 -4.52 25.87
N PHE A 207 23.32 -4.09 26.59
CA PHE A 207 23.31 -4.25 28.04
C PHE A 207 23.36 -5.72 28.42
N CYS A 208 22.56 -6.56 27.75
CA CYS A 208 22.58 -7.99 28.04
C CYS A 208 23.96 -8.57 27.75
N VAL A 209 24.59 -8.15 26.66
CA VAL A 209 25.93 -8.67 26.36
C VAL A 209 26.92 -8.24 27.44
N ALA A 210 26.78 -7.02 27.95
CA ALA A 210 27.66 -6.58 29.04
C ALA A 210 27.48 -7.46 30.27
N LEU A 211 26.24 -7.83 30.57
CA LEU A 211 26.00 -8.72 31.71
C LEU A 211 26.68 -10.06 31.48
N TRP A 212 26.49 -10.65 30.30
CA TRP A 212 27.10 -11.95 30.04
C TRP A 212 28.63 -11.87 30.09
N LEU A 213 29.20 -10.70 29.81
CA LEU A 213 30.65 -10.54 30.03
C LEU A 213 30.96 -10.50 31.52
N LEU A 214 30.17 -9.78 32.30
CA LEU A 214 30.42 -9.76 33.75
C LEU A 214 30.30 -11.13 34.37
N ASP A 215 29.59 -12.05 33.71
CA ASP A 215 29.48 -13.41 34.21
C ASP A 215 30.57 -14.34 33.67
N GLU A 216 31.64 -13.78 33.12
CA GLU A 216 32.80 -14.54 32.66
C GLU A 216 32.49 -15.46 31.48
N PHE A 217 31.52 -15.08 30.64
CA PHE A 217 31.25 -15.77 29.39
C PHE A 217 31.86 -14.94 28.27
N TRP A 218 32.99 -15.40 27.72
CA TRP A 218 33.71 -14.60 26.73
C TRP A 218 33.30 -14.95 25.31
N TYR A 219 33.48 -16.21 24.90
CA TYR A 219 33.14 -16.60 23.54
C TYR A 219 31.66 -16.43 23.25
N TYR A 220 30.81 -16.76 24.23
CA TYR A 220 29.38 -16.64 24.04
C TYR A 220 28.97 -15.19 23.79
N SER A 221 29.43 -14.28 24.65
CA SER A 221 29.10 -12.88 24.48
C SER A 221 29.67 -12.33 23.19
N LEU A 222 30.87 -12.78 22.80
CA LEU A 222 31.48 -12.31 21.56
C LEU A 222 30.63 -12.70 20.36
N PHE A 223 30.26 -13.98 20.27
CA PHE A 223 29.40 -14.43 19.19
C PHE A 223 28.08 -13.69 19.17
N ASN A 224 27.48 -13.49 20.35
CA ASN A 224 26.19 -12.81 20.41
C ASN A 224 26.30 -11.37 19.93
N LEU A 225 27.39 -10.67 20.30
CA LEU A 225 27.59 -9.30 19.87
C LEU A 225 27.79 -9.22 18.36
N PHE A 226 28.56 -10.15 17.80
CA PHE A 226 28.73 -10.19 16.35
C PHE A 226 27.38 -10.36 15.66
N MET A 227 26.53 -11.25 16.18
CA MET A 227 25.22 -11.44 15.57
C MET A 227 24.37 -10.18 15.66
N ILE A 228 24.44 -9.47 16.78
CA ILE A 228 23.68 -8.23 16.94
C ILE A 228 24.10 -7.20 15.89
N ILE A 229 25.42 -7.00 15.76
CA ILE A 229 25.92 -6.02 14.80
C ILE A 229 25.50 -6.40 13.39
N SER A 230 25.58 -7.69 13.05
CA SER A 230 25.20 -8.12 11.70
C SER A 230 23.73 -7.83 11.43
N MET A 231 22.86 -8.17 12.38
CA MET A 231 21.43 -7.91 12.19
C MET A 231 21.16 -6.42 12.00
N GLU A 232 21.83 -5.58 12.78
CA GLU A 232 21.56 -4.14 12.66
C GLU A 232 22.04 -3.59 11.33
N ALA A 233 23.20 -4.05 10.85
CA ALA A 233 23.66 -3.61 9.54
C ALA A 233 22.71 -4.04 8.44
N ALA A 234 22.18 -5.26 8.55
CA ALA A 234 21.20 -5.72 7.56
C ALA A 234 19.96 -4.84 7.57
N ALA A 235 19.48 -4.48 8.76
CA ALA A 235 18.31 -3.62 8.85
C ALA A 235 18.58 -2.24 8.25
N VAL A 236 19.79 -1.72 8.45
CA VAL A 236 20.11 -0.41 7.89
C VAL A 236 20.15 -0.47 6.36
N PHE A 237 20.71 -1.54 5.80
CA PHE A 237 20.68 -1.67 4.34
C PHE A 237 19.25 -1.78 3.81
N GLN A 238 18.42 -2.57 4.50
CA GLN A 238 17.03 -2.70 4.06
C GLN A 238 16.27 -1.39 4.19
N ARG A 239 16.68 -0.51 5.10
CA ARG A 239 16.03 0.80 5.21
C ARG A 239 16.59 1.81 4.22
N LEU A 240 17.83 1.63 3.77
CA LEU A 240 18.41 2.56 2.81
C LEU A 240 17.97 2.25 1.38
N THR A 241 17.75 0.97 1.06
CA THR A 241 17.29 0.65 -0.29
C THR A 241 15.93 1.26 -0.60
N ALA A 242 15.05 1.36 0.40
CA ALA A 242 13.74 1.97 0.15
C ALA A 242 13.87 3.45 -0.18
N LEU A 243 14.72 4.18 0.55
CA LEU A 243 15.00 5.56 0.20
C LEU A 243 15.58 5.67 -1.20
N LYS A 244 16.44 4.72 -1.58
CA LYS A 244 16.99 4.76 -2.92
C LYS A 244 15.94 4.44 -3.97
N GLU A 245 14.86 3.75 -3.58
CA GLU A 245 13.77 3.46 -4.50
C GLU A 245 12.80 4.63 -4.64
N PHE A 246 12.59 5.39 -3.57
CA PHE A 246 11.68 6.53 -3.66
C PHE A 246 12.25 7.64 -4.54
N ARG A 247 13.57 7.69 -4.70
CA ARG A 247 14.20 8.80 -5.40
C ARG A 247 14.00 8.73 -6.91
N THR A 248 13.65 7.56 -7.46
CA THR A 248 13.54 7.44 -8.91
C THR A 248 12.31 8.13 -9.46
N MET A 249 11.34 8.49 -8.61
CA MET A 249 10.17 9.19 -9.11
C MET A 249 10.50 10.59 -9.58
N GLY A 250 11.53 11.21 -9.01
CA GLY A 250 11.96 12.52 -9.47
C GLY A 250 12.72 12.42 -10.78
N ILE A 251 12.38 13.29 -11.72
CA ILE A 251 13.00 13.28 -13.03
C ILE A 251 14.38 13.92 -12.95
N LYS A 252 15.14 13.83 -14.03
CA LYS A 252 16.40 14.55 -14.14
C LYS A 252 16.17 15.87 -14.87
N PRO A 253 16.75 16.97 -14.39
CA PRO A 253 16.46 18.28 -14.98
C PRO A 253 16.86 18.36 -16.45
N TYR A 254 16.08 19.13 -17.21
CA TYR A 254 16.35 19.35 -18.63
C TYR A 254 15.94 20.78 -18.99
N THR A 255 16.50 21.27 -20.09
CA THR A 255 16.45 22.70 -20.38
C THR A 255 15.21 23.07 -21.20
N ILE A 256 14.46 24.05 -20.70
CA ILE A 256 13.34 24.63 -21.43
C ILE A 256 13.44 26.15 -21.37
N ASN A 257 13.02 26.79 -22.45
CA ASN A 257 13.16 28.23 -22.59
C ASN A 257 12.15 28.93 -21.70
N VAL A 258 12.61 29.91 -20.92
CA VAL A 258 11.80 30.60 -19.93
C VAL A 258 11.81 32.09 -20.25
N PHE A 259 10.63 32.70 -20.25
CA PHE A 259 10.48 34.11 -20.64
C PHE A 259 10.73 35.00 -19.43
N ARG A 260 11.89 35.66 -19.41
CA ARG A 260 12.23 36.61 -18.35
C ARG A 260 12.92 37.82 -18.97
N ASN A 261 12.60 39.00 -18.45
CA ASN A 261 13.17 40.26 -18.92
C ASN A 261 12.81 40.53 -20.37
N LYS A 262 11.65 40.06 -20.82
CA LYS A 262 11.15 40.31 -22.17
C LYS A 262 12.05 39.72 -23.26
N LYS A 263 12.64 38.55 -22.98
CA LYS A 263 13.42 37.84 -23.98
C LYS A 263 13.66 36.41 -23.52
N TRP A 264 13.79 35.51 -24.48
CA TRP A 264 13.88 34.08 -24.21
C TRP A 264 15.29 33.71 -23.78
N VAL A 265 15.45 33.32 -22.51
CA VAL A 265 16.71 32.81 -22.00
C VAL A 265 16.49 31.38 -21.52
N ALA A 266 17.39 30.49 -21.89
CA ALA A 266 17.22 29.06 -21.61
C ALA A 266 17.70 28.74 -20.19
N LEU A 267 16.77 28.50 -19.29
CA LEU A 267 17.05 28.10 -17.92
C LEU A 267 16.79 26.61 -17.79
N GLN A 268 17.33 26.02 -16.73
CA GLN A 268 17.04 24.62 -16.48
C GLN A 268 15.69 24.48 -15.78
N THR A 269 15.36 23.26 -15.40
CA THR A 269 14.07 23.02 -14.76
C THR A 269 14.13 23.29 -13.26
N ASN A 270 15.31 23.22 -12.64
CA ASN A 270 15.41 23.54 -11.23
C ASN A 270 15.02 24.98 -10.96
N GLU A 271 15.28 25.88 -11.91
CA GLU A 271 15.09 27.31 -11.69
C GLU A 271 13.75 27.76 -12.27
N LEU A 272 12.68 27.29 -11.65
CA LEU A 272 11.32 27.67 -12.03
C LEU A 272 10.55 28.15 -10.81
N LEU A 273 9.72 29.16 -11.01
CA LEU A 273 8.86 29.72 -9.97
C LEU A 273 7.44 29.81 -10.50
N PRO A 274 6.46 29.95 -9.62
CA PRO A 274 5.09 30.18 -10.09
C PRO A 274 4.98 31.49 -10.86
N MET A 275 4.03 31.51 -11.80
CA MET A 275 3.80 32.65 -12.69
C MET A 275 5.05 32.96 -13.51
N ASP A 276 5.57 31.92 -14.16
CA ASP A 276 6.75 32.01 -15.02
C ASP A 276 6.38 31.38 -16.35
N LEU A 277 6.60 32.08 -17.45
CA LEU A 277 6.24 31.53 -18.75
C LEU A 277 7.30 30.56 -19.26
N VAL A 278 6.85 29.36 -19.65
CA VAL A 278 7.72 28.36 -20.22
C VAL A 278 7.16 27.95 -21.58
N SER A 279 7.94 27.17 -22.32
CA SER A 279 7.51 26.65 -23.62
C SER A 279 7.73 25.15 -23.62
N ILE A 280 6.65 24.40 -23.56
CA ILE A 280 6.72 22.94 -23.51
C ILE A 280 6.71 22.37 -24.91
N THR A 281 7.44 21.25 -25.08
CA THR A 281 7.54 20.57 -26.35
C THR A 281 7.18 19.10 -26.18
N ARG A 282 7.45 18.27 -27.19
CA ARG A 282 7.34 16.83 -27.02
C ARG A 282 8.23 16.38 -25.88
N THR A 283 7.67 15.62 -24.96
CA THR A 283 8.46 15.19 -23.81
C THR A 283 9.55 14.22 -24.26
N ALA A 284 10.73 14.38 -23.69
CA ALA A 284 11.83 13.51 -24.04
C ALA A 284 11.61 12.11 -23.49
N GLU A 285 12.49 11.19 -23.87
CA GLU A 285 12.45 9.85 -23.31
C GLU A 285 12.77 9.90 -21.82
N GLU A 286 12.23 8.94 -21.08
CA GLU A 286 12.36 8.83 -19.62
C GLU A 286 12.30 10.18 -18.92
N SER A 287 11.39 11.04 -19.35
CA SER A 287 11.19 12.35 -18.73
C SER A 287 9.70 12.61 -18.63
N ALA A 288 9.34 13.80 -18.17
CA ALA A 288 7.94 14.14 -17.97
C ALA A 288 7.79 15.65 -18.04
N ILE A 289 6.59 16.13 -17.75
CA ILE A 289 6.35 17.57 -17.66
C ILE A 289 7.01 18.12 -16.42
N PRO A 290 7.69 19.28 -16.48
CA PRO A 290 8.45 19.77 -15.32
C PRO A 290 7.62 19.95 -14.06
N CYS A 291 6.58 20.76 -14.13
CA CYS A 291 5.77 21.10 -12.97
C CYS A 291 4.35 21.42 -13.45
N ASP A 292 3.47 21.70 -12.49
CA ASP A 292 2.05 21.82 -12.78
C ASP A 292 1.79 23.10 -13.58
N LEU A 293 1.70 22.97 -14.90
CA LEU A 293 1.56 24.10 -15.80
C LEU A 293 0.10 24.28 -16.20
N ILE A 294 -0.19 25.37 -16.90
CA ILE A 294 -1.50 25.62 -17.47
C ILE A 294 -1.33 26.20 -18.87
N LEU A 295 -1.96 25.58 -19.85
CA LEU A 295 -1.86 26.07 -21.23
C LEU A 295 -2.37 27.49 -21.34
N LEU A 296 -1.56 28.37 -21.92
CA LEU A 296 -1.99 29.74 -22.19
C LEU A 296 -2.26 29.98 -23.66
N ASP A 297 -1.69 29.16 -24.52
CA ASP A 297 -1.89 29.23 -25.96
C ASP A 297 -1.27 28.00 -26.58
N GLY A 298 -1.98 27.35 -27.49
CA GLY A 298 -1.51 26.15 -28.14
C GLY A 298 -2.39 24.95 -27.86
N SER A 299 -1.84 23.77 -28.13
CA SER A 299 -2.57 22.53 -27.92
C SER A 299 -1.60 21.39 -27.70
N ALA A 300 -2.02 20.40 -26.93
CA ALA A 300 -1.17 19.27 -26.60
C ALA A 300 -2.03 18.04 -26.41
N ILE A 301 -1.38 16.88 -26.39
CA ILE A 301 -2.03 15.58 -26.22
C ILE A 301 -1.25 14.82 -25.16
N VAL A 302 -1.69 14.90 -23.92
CA VAL A 302 -0.94 14.32 -22.81
C VAL A 302 -1.43 12.90 -22.54
N ASN A 303 -0.60 12.13 -21.85
CA ASN A 303 -0.85 10.74 -21.51
C ASN A 303 -0.80 10.64 -19.99
N GLU A 304 -1.95 10.87 -19.34
CA GLU A 304 -2.00 11.00 -17.89
C GLU A 304 -1.91 9.61 -17.23
N ALA A 305 -0.78 8.96 -17.47
CA ALA A 305 -0.62 7.58 -16.98
C ALA A 305 -0.45 7.55 -15.47
N MET A 306 0.32 8.48 -14.92
CA MET A 306 0.69 8.37 -13.51
C MET A 306 -0.47 8.69 -12.59
N LEU A 307 -1.14 9.81 -12.82
CA LEU A 307 -2.17 10.25 -11.87
C LEU A 307 -3.45 9.45 -12.01
N SER A 308 -3.80 9.03 -13.23
CA SER A 308 -5.07 8.40 -13.50
C SER A 308 -4.97 6.89 -13.69
N GLY A 309 -3.77 6.33 -13.78
CA GLY A 309 -3.62 4.91 -14.02
C GLY A 309 -4.25 4.44 -15.31
N GLU A 310 -4.31 5.31 -16.32
CA GLU A 310 -4.95 4.98 -17.59
C GLU A 310 -3.97 5.29 -18.73
N SER A 311 -4.26 4.71 -19.89
CA SER A 311 -3.36 4.80 -21.03
C SER A 311 -3.85 5.74 -22.12
N THR A 312 -5.17 5.88 -22.29
CA THR A 312 -5.70 6.62 -23.43
C THR A 312 -5.25 8.08 -23.36
N PRO A 313 -4.66 8.62 -24.42
CA PRO A 313 -4.20 10.01 -24.39
C PRO A 313 -5.36 10.98 -24.44
N LEU A 314 -5.39 11.89 -23.46
CA LEU A 314 -6.33 12.98 -23.43
C LEU A 314 -5.89 14.07 -24.41
N LEU A 315 -6.75 15.06 -24.61
CA LEU A 315 -6.46 16.16 -25.52
C LEU A 315 -6.68 17.48 -24.79
N LYS A 316 -5.59 18.20 -24.54
CA LYS A 316 -5.63 19.43 -23.77
C LYS A 316 -5.70 20.62 -24.71
N GLU A 317 -6.43 21.65 -24.29
CA GLU A 317 -6.70 22.81 -25.12
C GLU A 317 -6.33 24.08 -24.36
N SER A 318 -6.27 25.20 -25.08
CA SER A 318 -5.75 26.44 -24.53
C SER A 318 -6.76 27.10 -23.60
N ILE A 319 -6.42 28.32 -23.17
CA ILE A 319 -7.25 29.12 -22.28
C ILE A 319 -7.61 30.47 -22.88
N LYS A 320 -7.12 30.78 -24.07
CA LYS A 320 -7.27 32.12 -24.63
C LYS A 320 -8.72 32.45 -24.95
N LEU A 321 -9.53 31.44 -25.29
CA LEU A 321 -10.86 31.71 -25.83
C LEU A 321 -11.83 32.19 -24.76
N ARG A 322 -11.59 31.86 -23.49
CA ARG A 322 -12.55 32.18 -22.45
C ARG A 322 -12.57 33.68 -22.17
N PRO A 323 -13.74 34.22 -21.79
CA PRO A 323 -13.82 35.65 -21.48
C PRO A 323 -12.97 36.00 -20.28
N SER A 324 -12.41 37.21 -20.29
CA SER A 324 -11.35 37.56 -19.34
C SER A 324 -11.88 38.07 -18.01
N GLU A 325 -12.60 39.19 -18.01
CA GLU A 325 -12.96 39.83 -16.76
C GLU A 325 -14.03 39.04 -16.02
N ASP A 326 -14.99 38.47 -16.74
CA ASP A 326 -16.15 37.87 -16.09
C ASP A 326 -15.80 36.54 -15.43
N ASN A 327 -15.37 35.57 -16.23
CA ASN A 327 -15.31 34.19 -15.76
C ASN A 327 -14.25 34.01 -14.69
N LEU A 328 -14.37 32.91 -13.95
CA LEU A 328 -13.45 32.55 -12.89
C LEU A 328 -12.76 31.24 -13.24
N GLN A 329 -11.51 31.10 -12.81
CA GLN A 329 -10.74 29.90 -13.09
C GLN A 329 -11.33 28.76 -12.25
N LEU A 330 -12.05 27.86 -12.92
CA LEU A 330 -12.91 26.91 -12.22
C LEU A 330 -12.24 25.59 -11.90
N ASP A 331 -11.35 25.10 -12.77
CA ASP A 331 -10.84 23.72 -12.68
C ASP A 331 -11.97 22.72 -12.69
N GLY A 332 -13.10 23.12 -13.26
CA GLY A 332 -14.24 22.26 -13.54
C GLY A 332 -14.37 22.11 -15.04
N VAL A 333 -15.24 22.92 -15.65
CA VAL A 333 -15.29 23.03 -17.10
C VAL A 333 -13.94 23.43 -17.67
N ASP A 334 -13.11 24.10 -16.89
CA ASP A 334 -11.81 24.59 -17.34
C ASP A 334 -10.68 23.61 -17.06
N LYS A 335 -10.97 22.31 -17.05
CA LYS A 335 -9.97 21.30 -16.76
C LYS A 335 -9.20 20.85 -17.98
N ILE A 336 -9.65 21.22 -19.19
CA ILE A 336 -8.92 20.87 -20.40
C ILE A 336 -7.72 21.76 -20.64
N ALA A 337 -7.41 22.66 -19.71
CA ALA A 337 -6.24 23.52 -19.85
C ALA A 337 -5.13 23.18 -18.86
N VAL A 338 -5.43 22.46 -17.78
CA VAL A 338 -4.42 22.16 -16.77
C VAL A 338 -3.56 20.99 -17.23
N LEU A 339 -2.26 21.11 -17.00
CA LEU A 339 -1.28 20.07 -17.32
C LEU A 339 -0.53 19.71 -16.05
N HIS A 340 -0.70 18.49 -15.59
CA HIS A 340 -0.12 18.13 -14.31
C HIS A 340 1.37 17.85 -14.45
N GLY A 341 2.03 17.63 -13.32
CA GLY A 341 3.44 17.36 -13.29
C GLY A 341 3.68 15.88 -13.07
N GLY A 342 4.40 15.26 -14.00
CA GLY A 342 4.66 13.84 -13.97
C GLY A 342 3.94 13.02 -15.02
N THR A 343 3.38 13.66 -16.03
CA THR A 343 2.70 12.98 -17.13
C THR A 343 3.47 13.28 -18.41
N LYS A 344 3.42 12.35 -19.37
CA LYS A 344 4.11 12.55 -20.62
C LYS A 344 3.26 13.39 -21.57
N ALA A 345 3.93 14.11 -22.47
CA ALA A 345 3.27 14.91 -23.49
C ALA A 345 3.62 14.33 -24.85
N LEU A 346 2.64 13.73 -25.52
CA LEU A 346 2.92 13.00 -26.74
C LEU A 346 3.16 13.93 -27.92
N GLN A 347 2.36 14.97 -28.07
CA GLN A 347 2.49 15.89 -29.18
C GLN A 347 1.99 17.26 -28.75
N VAL A 348 2.68 18.31 -29.19
CA VAL A 348 2.30 19.68 -28.88
C VAL A 348 2.33 20.49 -30.17
N THR A 349 1.41 21.43 -30.29
CA THR A 349 1.33 22.24 -31.49
C THR A 349 1.54 23.71 -31.17
N PRO A 350 2.33 24.42 -31.97
CA PRO A 350 2.62 25.82 -31.68
C PRO A 350 1.36 26.66 -31.74
N PRO A 351 1.38 27.89 -31.22
CA PRO A 351 0.20 28.73 -31.30
C PRO A 351 -0.09 29.13 -32.74
N GLU A 352 -1.36 29.44 -33.00
CA GLU A 352 -1.78 29.74 -34.36
C GLU A 352 -1.47 31.17 -34.75
N HIS A 353 -2.03 32.13 -34.03
CA HIS A 353 -1.94 33.54 -34.38
C HIS A 353 -0.89 34.26 -33.54
N LYS A 354 -0.63 35.50 -33.90
CA LYS A 354 0.36 36.31 -33.21
C LYS A 354 -0.18 36.79 -31.87
N SER A 355 0.73 37.19 -30.99
CA SER A 355 0.37 37.70 -29.68
C SER A 355 1.29 38.87 -29.35
N ASP A 356 1.11 39.43 -28.15
CA ASP A 356 1.99 40.50 -27.70
C ASP A 356 3.41 40.01 -27.44
N ILE A 357 3.57 38.73 -27.09
CA ILE A 357 4.89 38.17 -26.81
C ILE A 357 5.37 37.40 -28.04
N PRO A 358 6.67 37.40 -28.31
CA PRO A 358 7.18 36.72 -29.51
C PRO A 358 6.96 35.21 -29.43
N PRO A 359 7.15 34.49 -30.52
CA PRO A 359 7.03 33.03 -30.48
C PRO A 359 8.31 32.40 -29.97
N PRO A 360 8.22 31.26 -29.30
CA PRO A 360 9.43 30.60 -28.79
C PRO A 360 10.30 30.12 -29.93
N PRO A 361 11.59 29.86 -29.68
CA PRO A 361 12.46 29.43 -30.78
C PRO A 361 12.18 28.01 -31.24
N ASP A 362 11.86 27.11 -30.32
CA ASP A 362 11.51 25.75 -30.67
C ASP A 362 10.02 25.66 -31.03
N GLY A 363 9.59 24.45 -31.36
CA GLY A 363 8.22 24.24 -31.81
C GLY A 363 7.21 24.09 -30.69
N GLY A 364 7.46 24.75 -29.57
CA GLY A 364 6.64 24.52 -28.40
C GLY A 364 5.51 25.51 -28.22
N ALA A 365 4.62 25.16 -27.30
CA ALA A 365 3.48 25.98 -26.93
C ALA A 365 3.75 26.69 -25.61
N LEU A 366 3.26 27.93 -25.51
CA LEU A 366 3.36 28.73 -24.31
C LEU A 366 2.44 28.17 -23.24
N ALA A 367 2.92 28.26 -22.00
CA ALA A 367 2.21 27.78 -20.82
C ALA A 367 2.72 28.54 -19.60
N ILE A 368 1.90 28.57 -18.56
CA ILE A 368 2.19 29.29 -17.32
C ILE A 368 2.41 28.26 -16.22
N VAL A 369 3.48 28.43 -15.45
CA VAL A 369 3.66 27.60 -14.27
C VAL A 369 2.62 27.99 -13.22
N THR A 370 2.21 27.03 -12.41
CA THR A 370 1.31 27.31 -11.31
C THR A 370 1.78 26.77 -9.96
N LYS A 371 2.42 25.60 -9.94
CA LYS A 371 2.92 25.04 -8.69
C LYS A 371 4.27 24.39 -8.93
N THR A 372 5.18 24.59 -7.99
CA THR A 372 6.55 24.10 -8.12
C THR A 372 6.95 23.38 -6.85
N GLY A 373 7.72 22.31 -7.01
CA GLY A 373 8.31 21.62 -5.88
C GLY A 373 7.46 20.48 -5.36
N PHE A 374 7.45 20.31 -4.04
CA PHE A 374 6.62 19.28 -3.42
C PHE A 374 5.13 19.61 -3.45
N GLU A 375 4.76 20.85 -3.74
CA GLU A 375 3.36 21.24 -3.67
C GLU A 375 2.57 20.97 -4.95
N THR A 376 3.16 20.27 -5.92
CA THR A 376 2.39 19.88 -7.09
C THR A 376 1.50 18.69 -6.75
N SER A 377 0.82 18.16 -7.77
CA SER A 377 -0.10 17.05 -7.53
C SER A 377 0.65 15.79 -7.17
N GLN A 378 1.62 15.38 -7.98
CA GLN A 378 2.41 14.20 -7.69
C GLN A 378 3.33 14.43 -6.49
N GLY A 379 3.85 15.65 -6.33
CA GLY A 379 4.78 15.93 -5.25
C GLY A 379 4.14 15.78 -3.88
N SER A 380 2.90 16.23 -3.73
CA SER A 380 2.24 16.10 -2.44
C SER A 380 2.06 14.65 -2.06
N LEU A 381 1.66 13.81 -3.02
CA LEU A 381 1.53 12.39 -2.74
C LEU A 381 2.86 11.77 -2.40
N VAL A 382 3.93 12.17 -3.08
CA VAL A 382 5.24 11.60 -2.76
C VAL A 382 5.69 12.02 -1.36
N ARG A 383 5.41 13.27 -0.98
CA ARG A 383 5.79 13.72 0.35
C ARG A 383 5.03 12.94 1.42
N VAL A 384 3.72 12.81 1.26
CA VAL A 384 2.94 12.05 2.23
C VAL A 384 3.41 10.61 2.28
N MET A 385 3.84 10.08 1.13
CA MET A 385 4.31 8.70 1.06
C MET A 385 5.62 8.52 1.82
N ILE A 386 6.52 9.50 1.72
CA ILE A 386 7.86 9.36 2.30
C ILE A 386 7.85 9.71 3.79
N TYR A 387 7.42 10.92 4.12
CA TYR A 387 7.64 11.45 5.46
C TYR A 387 6.52 11.16 6.44
N SER A 388 5.27 11.39 6.07
CA SER A 388 4.16 11.20 6.98
C SER A 388 3.56 9.81 6.90
N ALA A 389 4.34 8.81 6.48
CA ALA A 389 3.83 7.45 6.39
C ALA A 389 3.61 6.86 7.78
N GLU A 390 2.67 5.92 7.85
CA GLU A 390 2.37 5.23 9.09
C GLU A 390 3.05 3.88 9.11
N ARG A 391 3.67 3.54 10.23
CA ARG A 391 4.33 2.26 10.38
C ARG A 391 3.32 1.16 10.72
N VAL A 392 3.72 -0.08 10.47
CA VAL A 392 2.87 -1.22 10.80
C VAL A 392 2.84 -1.40 12.32
N SER A 393 1.75 -1.98 12.82
CA SER A 393 1.55 -2.23 14.25
C SER A 393 1.68 -0.93 15.05
N VAL A 394 0.76 0.00 14.78
CA VAL A 394 0.85 1.33 15.37
C VAL A 394 0.61 1.29 16.88
N ASP A 395 -0.27 0.41 17.33
CA ASP A 395 -0.66 0.39 18.74
C ASP A 395 0.52 0.07 19.64
N ASN A 396 1.09 -1.13 19.49
CA ASN A 396 2.27 -1.64 20.17
C ASN A 396 1.98 -1.94 21.65
N LYS A 397 0.82 -1.54 22.17
CA LYS A 397 0.48 -1.86 23.55
C LYS A 397 0.26 -3.35 23.73
N GLU A 398 -0.25 -4.02 22.69
CA GLU A 398 -0.39 -5.47 22.75
C GLU A 398 0.96 -6.13 22.94
N ALA A 399 1.96 -5.74 22.15
CA ALA A 399 3.29 -6.33 22.29
C ALA A 399 3.90 -6.01 23.64
N LEU A 400 3.70 -4.79 24.14
CA LEU A 400 4.26 -4.46 25.45
C LEU A 400 3.61 -5.27 26.56
N MET A 401 2.29 -5.43 26.53
CA MET A 401 1.63 -6.25 27.55
C MET A 401 2.07 -7.71 27.44
N PHE A 402 2.26 -8.19 26.21
CA PHE A 402 2.76 -9.55 26.03
C PHE A 402 4.12 -9.71 26.67
N ILE A 403 5.00 -8.73 26.51
CA ILE A 403 6.32 -8.82 27.14
C ILE A 403 6.20 -8.73 28.66
N LEU A 404 5.24 -7.95 29.15
CA LEU A 404 5.09 -7.81 30.60
C LEU A 404 4.61 -9.10 31.25
N PHE A 405 3.77 -9.85 30.55
CA PHE A 405 3.31 -11.15 31.06
C PHE A 405 4.49 -12.10 31.27
N LEU A 406 5.37 -12.20 30.29
CA LEU A 406 6.58 -13.01 30.44
C LEU A 406 7.41 -12.54 31.63
N LEU A 407 7.46 -11.22 31.85
CA LEU A 407 8.25 -10.72 32.98
C LEU A 407 7.61 -11.10 34.31
N ILE A 408 6.29 -11.20 34.36
CA ILE A 408 5.63 -11.71 35.56
C ILE A 408 6.12 -13.13 35.84
N PHE A 409 6.15 -13.98 34.80
CA PHE A 409 6.72 -15.31 34.99
C PHE A 409 8.18 -15.25 35.43
N ALA A 410 8.93 -14.30 34.89
CA ALA A 410 10.34 -14.15 35.24
C ALA A 410 10.51 -13.86 36.72
N VAL A 411 9.71 -12.94 37.26
CA VAL A 411 9.79 -12.62 38.67
C VAL A 411 9.39 -13.83 39.51
N ILE A 412 8.37 -14.56 39.06
CA ILE A 412 7.94 -15.76 39.80
C ILE A 412 9.09 -16.75 39.93
N ALA A 413 9.91 -16.87 38.89
CA ALA A 413 11.07 -17.78 39.01
C ALA A 413 12.21 -17.17 39.81
N SER A 414 12.46 -15.88 39.63
CA SER A 414 13.60 -15.24 40.28
C SER A 414 13.45 -15.23 41.79
N TRP A 415 12.22 -15.15 42.30
CA TRP A 415 12.05 -15.18 43.76
C TRP A 415 12.53 -16.51 44.34
N TYR A 416 12.14 -17.62 43.71
CA TYR A 416 12.62 -18.92 44.16
C TYR A 416 14.12 -19.03 44.04
N VAL A 417 14.69 -18.50 42.95
CA VAL A 417 16.15 -18.54 42.83
C VAL A 417 16.81 -17.82 43.99
N TRP A 418 16.29 -16.64 44.35
CA TRP A 418 16.90 -15.90 45.45
C TRP A 418 16.74 -16.61 46.77
N VAL A 419 15.57 -17.18 47.03
CA VAL A 419 15.35 -17.85 48.32
C VAL A 419 16.29 -19.04 48.45
N GLU A 420 16.41 -19.85 47.40
CA GLU A 420 17.28 -21.02 47.48
C GLU A 420 18.75 -20.62 47.53
N GLY A 421 19.13 -19.55 46.86
CA GLY A 421 20.50 -19.07 46.95
C GLY A 421 20.84 -18.55 48.33
N THR A 422 19.88 -17.90 48.98
CA THR A 422 20.10 -17.49 50.37
C THR A 422 20.20 -18.72 51.28
N LYS A 423 19.42 -19.76 50.98
CA LYS A 423 19.44 -20.95 51.82
C LYS A 423 20.77 -21.68 51.72
N MET A 424 21.26 -21.89 50.50
CA MET A 424 22.46 -22.71 50.30
C MET A 424 23.74 -21.96 50.60
N GLY A 425 23.68 -20.86 51.33
CA GLY A 425 24.88 -20.14 51.71
C GLY A 425 25.55 -19.38 50.60
N ARG A 426 24.89 -19.22 49.45
CA ARG A 426 25.48 -18.47 48.36
C ARG A 426 25.66 -17.01 48.76
N ILE A 427 26.62 -16.37 48.10
CA ILE A 427 26.91 -14.96 48.36
C ILE A 427 25.86 -14.11 47.69
N GLN A 428 25.24 -13.21 48.45
CA GLN A 428 24.16 -12.41 47.89
C GLN A 428 24.69 -11.40 46.87
N SER A 429 25.88 -10.85 47.13
CA SER A 429 26.48 -9.87 46.22
C SER A 429 26.60 -10.42 44.81
N LYS A 430 26.88 -11.71 44.67
CA LYS A 430 26.97 -12.36 43.38
C LYS A 430 25.71 -13.12 43.01
N LEU A 431 24.68 -13.08 43.86
CA LEU A 431 23.40 -13.70 43.55
C LEU A 431 22.43 -12.72 42.91
N ILE A 432 22.55 -11.43 43.25
CA ILE A 432 21.72 -10.43 42.58
C ILE A 432 21.98 -10.43 41.07
N LEU A 433 23.22 -10.72 40.66
CA LEU A 433 23.53 -10.73 39.24
C LEU A 433 22.84 -11.90 38.54
N ASP A 434 22.73 -13.04 39.20
CA ASP A 434 22.01 -14.16 38.61
C ASP A 434 20.52 -13.88 38.51
N CYS A 435 19.95 -13.26 39.54
CA CYS A 435 18.56 -12.84 39.44
C CYS A 435 18.34 -11.92 38.24
N ILE A 436 19.25 -10.96 38.04
CA ILE A 436 19.13 -10.05 36.91
C ILE A 436 19.28 -10.80 35.59
N LEU A 437 20.20 -11.76 35.54
CA LEU A 437 20.37 -12.54 34.30
C LEU A 437 19.09 -13.27 33.92
N ILE A 438 18.43 -13.90 34.89
CA ILE A 438 17.17 -14.59 34.59
C ILE A 438 16.13 -13.60 34.08
N ILE A 439 15.91 -12.52 34.85
CA ILE A 439 14.84 -11.57 34.51
C ILE A 439 15.08 -10.96 33.14
N THR A 440 16.34 -10.73 32.77
CA THR A 440 16.63 -10.17 31.46
C THR A 440 16.67 -11.24 30.37
N SER A 441 16.78 -12.51 30.75
CA SER A 441 16.76 -13.57 29.75
C SER A 441 15.36 -13.95 29.33
N VAL A 442 14.35 -13.66 30.14
CA VAL A 442 12.98 -13.93 29.71
C VAL A 442 12.60 -13.06 28.51
N VAL A 443 13.10 -11.84 28.44
CA VAL A 443 12.64 -10.86 27.47
C VAL A 443 13.21 -11.14 26.08
N PRO A 444 12.36 -11.36 25.07
CA PRO A 444 12.86 -11.48 23.69
C PRO A 444 12.93 -10.12 23.03
N PRO A 445 14.08 -9.75 22.47
CA PRO A 445 14.23 -8.40 21.92
C PRO A 445 13.60 -8.23 20.55
N GLU A 446 13.66 -9.25 19.71
CA GLU A 446 13.20 -9.13 18.33
C GLU A 446 11.70 -9.34 18.19
N LEU A 447 10.93 -9.19 19.26
CA LEU A 447 9.49 -9.46 19.17
C LEU A 447 8.73 -8.34 18.47
N PRO A 448 8.86 -7.06 18.85
CA PRO A 448 8.02 -6.04 18.21
C PRO A 448 8.34 -5.80 16.75
N MET A 449 9.56 -6.09 16.31
CA MET A 449 9.97 -5.88 14.92
C MET A 449 9.76 -7.10 14.05
N GLU A 450 8.75 -7.92 14.34
CA GLU A 450 8.49 -9.15 13.61
C GLU A 450 7.60 -8.92 12.38
N LEU A 451 6.48 -8.24 12.57
CA LEU A 451 5.58 -7.98 11.47
C LEU A 451 6.23 -7.15 10.38
N THR A 452 7.16 -6.27 10.75
CA THR A 452 7.83 -5.45 9.75
C THR A 452 8.71 -6.29 8.83
N MET A 453 9.48 -7.23 9.40
CA MET A 453 10.30 -8.09 8.56
C MET A 453 9.44 -9.02 7.72
N ALA A 454 8.35 -9.53 8.29
CA ALA A 454 7.45 -10.36 7.50
C ALA A 454 6.87 -9.57 6.33
N VAL A 455 6.48 -8.31 6.57
CA VAL A 455 5.91 -7.49 5.52
C VAL A 455 6.94 -7.18 4.45
N ASN A 456 8.20 -6.97 4.84
CA ASN A 456 9.24 -6.71 3.84
C ASN A 456 9.47 -7.92 2.95
N SER A 457 9.54 -9.12 3.55
CA SER A 457 9.70 -10.32 2.74
C SER A 457 8.51 -10.50 1.80
N SER A 458 7.30 -10.22 2.30
CA SER A 458 6.12 -10.33 1.45
C SER A 458 6.15 -9.32 0.31
N LEU A 459 6.64 -8.11 0.57
CA LEU A 459 6.72 -7.10 -0.48
C LEU A 459 7.70 -7.52 -1.57
N ALA A 460 8.83 -8.12 -1.19
CA ALA A 460 9.75 -8.63 -2.21
C ALA A 460 9.09 -9.72 -3.04
N ALA A 461 8.48 -10.70 -2.36
CA ALA A 461 7.83 -11.79 -3.09
C ALA A 461 6.72 -11.27 -4.01
N LEU A 462 6.06 -10.19 -3.62
CA LEU A 462 5.07 -9.58 -4.50
C LEU A 462 5.73 -8.93 -5.70
N ALA A 463 6.70 -8.03 -5.45
CA ALA A 463 7.38 -7.34 -6.54
C ALA A 463 8.00 -8.29 -7.54
N LYS A 464 8.15 -9.57 -7.18
CA LYS A 464 8.54 -10.55 -8.19
C LYS A 464 7.47 -10.74 -9.26
N PHE A 465 6.21 -10.41 -8.97
CA PHE A 465 5.10 -10.57 -9.89
C PHE A 465 4.71 -9.26 -10.58
N TYR A 466 5.56 -8.24 -10.50
CA TYR A 466 5.31 -6.89 -11.01
C TYR A 466 4.23 -6.14 -10.25
N VAL A 467 3.88 -6.58 -9.05
CA VAL A 467 2.85 -5.92 -8.25
C VAL A 467 3.58 -5.03 -7.25
N TYR A 468 3.85 -3.78 -7.65
CA TYR A 468 4.57 -2.86 -6.80
C TYR A 468 3.62 -2.16 -5.83
N CYS A 469 4.07 -1.99 -4.59
CA CYS A 469 3.27 -1.40 -3.54
C CYS A 469 3.86 -0.08 -3.07
N THR A 470 2.99 0.84 -2.70
CA THR A 470 3.38 2.18 -2.28
C THR A 470 3.24 2.40 -0.78
N GLU A 471 2.10 2.04 -0.20
CA GLU A 471 1.90 2.12 1.24
C GLU A 471 1.95 0.70 1.81
N PRO A 472 3.02 0.32 2.50
CA PRO A 472 3.18 -1.09 2.90
C PRO A 472 2.40 -1.49 4.14
N PHE A 473 1.78 -0.56 4.86
CA PHE A 473 1.00 -0.95 6.02
C PHE A 473 -0.37 -1.49 5.66
N ARG A 474 -0.67 -1.64 4.37
CA ARG A 474 -1.93 -2.22 3.92
C ARG A 474 -1.86 -3.72 3.73
N ILE A 475 -0.68 -4.33 3.90
CA ILE A 475 -0.52 -5.76 3.63
C ILE A 475 -1.25 -6.59 4.67
N PRO A 476 -1.10 -6.35 5.99
CA PRO A 476 -1.91 -7.11 6.95
C PRO A 476 -3.40 -6.95 6.75
N PHE A 477 -3.85 -5.88 6.09
CA PHE A 477 -5.27 -5.75 5.79
C PHE A 477 -5.71 -6.76 4.75
N ALA A 478 -4.82 -7.14 3.84
CA ALA A 478 -5.18 -7.98 2.71
C ALA A 478 -5.37 -9.44 3.09
N GLY A 479 -5.04 -9.83 4.31
CA GLY A 479 -5.20 -11.23 4.70
C GLY A 479 -6.65 -11.59 4.94
N ARG A 480 -7.36 -10.75 5.70
CA ARG A 480 -8.73 -11.01 6.12
C ARG A 480 -9.65 -10.01 5.43
N ILE A 481 -10.13 -10.39 4.24
CA ILE A 481 -10.94 -9.51 3.41
C ILE A 481 -12.30 -10.16 3.22
N ASP A 482 -13.37 -9.36 3.35
CA ASP A 482 -14.72 -9.89 3.30
C ASP A 482 -15.44 -9.59 2.00
N VAL A 483 -15.11 -8.51 1.31
CA VAL A 483 -15.77 -8.13 0.06
C VAL A 483 -14.71 -7.70 -0.93
N CYS A 484 -14.85 -8.15 -2.19
CA CYS A 484 -13.98 -7.74 -3.28
C CYS A 484 -14.83 -7.17 -4.41
N CYS A 485 -14.52 -5.94 -4.83
CA CYS A 485 -15.31 -5.23 -5.82
C CYS A 485 -14.53 -5.11 -7.12
N PHE A 486 -15.21 -5.32 -8.25
CA PHE A 486 -14.58 -5.36 -9.55
C PHE A 486 -15.27 -4.41 -10.51
N ASP A 487 -14.49 -3.57 -11.20
CA ASP A 487 -15.00 -2.79 -12.31
C ASP A 487 -15.03 -3.65 -13.56
N LYS A 488 -15.99 -3.39 -14.45
CA LYS A 488 -16.17 -4.32 -15.56
C LYS A 488 -15.21 -4.06 -16.71
N THR A 489 -15.32 -2.90 -17.37
CA THR A 489 -14.55 -2.67 -18.59
C THR A 489 -13.13 -2.27 -18.24
N GLY A 490 -12.17 -3.06 -18.73
CA GLY A 490 -10.78 -2.85 -18.42
C GLY A 490 -10.22 -3.72 -17.32
N THR A 491 -11.08 -4.31 -16.49
CA THR A 491 -10.64 -5.22 -15.44
C THR A 491 -11.10 -6.65 -15.69
N LEU A 492 -12.41 -6.87 -15.81
CA LEU A 492 -12.93 -8.19 -16.10
C LEU A 492 -13.18 -8.40 -17.59
N THR A 493 -12.84 -7.44 -18.44
CA THR A 493 -13.10 -7.58 -19.86
C THR A 493 -11.96 -6.94 -20.64
N GLY A 494 -11.43 -7.68 -21.62
CA GLY A 494 -10.24 -7.24 -22.31
C GLY A 494 -10.48 -6.01 -23.16
N GLU A 495 -9.38 -5.37 -23.56
CA GLU A 495 -9.47 -4.18 -24.41
C GLU A 495 -9.77 -4.55 -25.85
N ASP A 496 -9.09 -5.58 -26.38
CA ASP A 496 -9.32 -5.98 -27.76
C ASP A 496 -10.73 -6.52 -27.92
N LEU A 497 -11.46 -5.98 -28.89
CA LEU A 497 -12.86 -6.33 -29.10
C LEU A 497 -13.11 -6.60 -30.57
N VAL A 498 -13.77 -7.72 -30.87
CA VAL A 498 -14.08 -8.06 -32.24
C VAL A 498 -15.23 -7.20 -32.75
N PHE A 499 -15.39 -7.16 -34.07
CA PHE A 499 -16.44 -6.37 -34.71
C PHE A 499 -17.38 -7.32 -35.43
N GLU A 500 -18.61 -7.43 -34.93
CA GLU A 500 -19.55 -8.39 -35.51
C GLU A 500 -20.18 -7.86 -36.79
N GLY A 501 -20.57 -6.59 -36.81
CA GLY A 501 -21.13 -6.01 -38.02
C GLY A 501 -22.22 -4.99 -37.76
N LEU A 502 -22.70 -4.33 -38.81
CA LEU A 502 -23.76 -3.35 -38.67
C LEU A 502 -25.12 -4.04 -38.58
N ALA A 503 -26.07 -3.38 -37.93
CA ALA A 503 -27.38 -3.95 -37.71
C ALA A 503 -28.43 -2.86 -37.74
N GLY A 504 -29.61 -3.20 -38.23
CA GLY A 504 -30.71 -2.27 -38.26
C GLY A 504 -30.71 -1.30 -39.42
N ILE A 505 -29.88 -1.52 -40.43
CA ILE A 505 -29.90 -0.66 -41.61
C ILE A 505 -30.99 -1.05 -42.58
N SER A 506 -31.46 -2.30 -42.51
CA SER A 506 -32.54 -2.76 -43.39
C SER A 506 -33.81 -2.01 -43.05
N ALA A 507 -34.27 -1.15 -43.97
CA ALA A 507 -35.50 -0.41 -43.73
C ALA A 507 -36.69 -1.36 -43.60
N ASP A 508 -36.73 -2.40 -44.43
CA ASP A 508 -37.77 -3.42 -44.30
C ASP A 508 -37.67 -4.14 -42.97
N SER A 509 -36.46 -4.61 -42.64
CA SER A 509 -36.15 -5.29 -41.37
C SER A 509 -37.16 -6.40 -41.07
N GLU A 510 -37.17 -7.40 -41.96
CA GLU A 510 -37.98 -8.59 -41.70
C GLU A 510 -37.43 -9.40 -40.54
N ASN A 511 -36.11 -9.36 -40.33
CA ASN A 511 -35.46 -10.08 -39.25
C ASN A 511 -34.86 -9.07 -38.28
N ILE A 512 -34.97 -9.37 -36.98
CA ILE A 512 -34.41 -8.47 -35.97
C ILE A 512 -32.90 -8.66 -35.89
N ARG A 513 -32.45 -9.89 -35.73
CA ARG A 513 -31.02 -10.18 -35.60
C ARG A 513 -30.40 -10.49 -36.97
N HIS A 514 -30.54 -9.53 -37.88
CA HIS A 514 -29.98 -9.62 -39.22
C HIS A 514 -28.91 -8.55 -39.38
N LEU A 515 -27.65 -8.96 -39.43
CA LEU A 515 -26.52 -8.06 -39.43
C LEU A 515 -25.98 -7.91 -40.84
N TYR A 516 -25.46 -6.73 -41.15
CA TYR A 516 -24.70 -6.48 -42.37
C TYR A 516 -23.24 -6.35 -42.01
N SER A 517 -22.41 -7.26 -42.52
CA SER A 517 -21.02 -7.35 -42.09
C SER A 517 -20.22 -6.11 -42.44
N ALA A 518 -20.01 -5.87 -43.73
CA ALA A 518 -19.19 -4.77 -44.23
C ALA A 518 -19.24 -4.81 -45.74
N ALA A 519 -18.78 -3.73 -46.36
CA ALA A 519 -18.75 -3.59 -47.82
C ALA A 519 -20.13 -3.81 -48.44
N GLU A 520 -21.18 -3.71 -47.62
CA GLU A 520 -22.55 -3.86 -48.09
C GLU A 520 -23.48 -2.77 -47.57
N ALA A 521 -23.07 -2.00 -46.58
CA ALA A 521 -23.89 -0.93 -46.05
C ALA A 521 -24.00 0.21 -47.06
N PRO A 522 -25.00 1.07 -46.92
CA PRO A 522 -25.03 2.29 -47.74
C PRO A 522 -23.84 3.19 -47.42
N GLU A 523 -23.44 3.96 -48.44
CA GLU A 523 -22.25 4.79 -48.31
C GLU A 523 -22.37 5.79 -47.18
N SER A 524 -23.59 6.22 -46.85
CA SER A 524 -23.76 7.15 -45.74
C SER A 524 -23.24 6.55 -44.44
N THR A 525 -23.47 5.25 -44.24
CA THR A 525 -23.04 4.62 -42.99
C THR A 525 -21.53 4.57 -42.89
N ILE A 526 -20.84 4.23 -43.97
CA ILE A 526 -19.39 4.14 -43.91
C ILE A 526 -18.78 5.54 -43.76
N LEU A 527 -19.39 6.54 -44.40
CA LEU A 527 -18.92 7.90 -44.18
C LEU A 527 -19.07 8.32 -42.72
N VAL A 528 -20.22 7.98 -42.11
CA VAL A 528 -20.43 8.34 -40.72
C VAL A 528 -19.44 7.62 -39.82
N ILE A 529 -19.17 6.35 -40.10
CA ILE A 529 -18.26 5.60 -39.25
C ILE A 529 -16.83 6.08 -39.42
N GLY A 530 -16.52 6.75 -40.53
CA GLY A 530 -15.20 7.31 -40.71
C GLY A 530 -15.02 8.72 -40.17
N ALA A 531 -16.06 9.54 -40.23
CA ALA A 531 -15.89 10.95 -39.85
C ALA A 531 -15.89 11.15 -38.34
N ALA A 532 -16.60 10.30 -37.60
CA ALA A 532 -16.83 10.54 -36.17
C ALA A 532 -15.90 9.68 -35.32
N HIS A 533 -14.64 10.14 -35.21
CA HIS A 533 -13.68 9.45 -34.36
C HIS A 533 -12.70 10.45 -33.78
N ALA A 534 -11.98 10.02 -32.75
CA ALA A 534 -11.06 10.88 -32.02
C ALA A 534 -9.61 10.51 -32.24
N LEU A 535 -9.30 9.72 -33.24
CA LEU A 535 -7.92 9.33 -33.50
C LEU A 535 -7.12 10.49 -34.08
N VAL A 536 -5.80 10.40 -33.92
CA VAL A 536 -4.86 11.35 -34.50
C VAL A 536 -3.57 10.60 -34.79
N LYS A 537 -2.95 10.94 -35.92
CA LYS A 537 -1.71 10.29 -36.35
C LYS A 537 -0.55 11.22 -36.02
N LEU A 538 0.33 10.77 -35.14
CA LEU A 538 1.46 11.60 -34.73
C LEU A 538 2.40 11.83 -35.91
N GLU A 539 3.26 12.84 -35.76
CA GLU A 539 4.14 13.21 -36.87
C GLU A 539 5.09 12.08 -37.21
N ASP A 540 5.60 11.36 -36.21
CA ASP A 540 6.56 10.30 -36.48
C ASP A 540 5.90 9.10 -37.13
N GLY A 541 4.59 8.95 -36.97
CA GLY A 541 3.85 7.83 -37.49
C GLY A 541 3.42 6.85 -36.41
N ASP A 542 2.19 7.03 -35.95
CA ASP A 542 1.57 6.24 -34.88
C ASP A 542 0.11 6.65 -34.80
N ILE A 543 -0.71 5.79 -34.23
CA ILE A 543 -2.12 6.06 -34.03
C ILE A 543 -2.39 5.97 -32.53
N VAL A 544 -2.84 7.07 -31.93
CA VAL A 544 -3.09 7.14 -30.50
C VAL A 544 -4.54 7.56 -30.28
N GLY A 545 -5.24 6.83 -29.44
CA GLY A 545 -6.63 7.11 -29.18
C GLY A 545 -7.28 5.91 -28.49
N ASP A 546 -8.61 5.93 -28.51
CA ASP A 546 -9.36 4.83 -27.91
C ASP A 546 -9.13 3.56 -28.73
N PRO A 547 -8.79 2.44 -28.08
CA PRO A 547 -8.59 1.20 -28.85
C PRO A 547 -9.85 0.71 -29.55
N MET A 548 -11.02 0.98 -28.98
CA MET A 548 -12.27 0.58 -29.62
C MET A 548 -12.45 1.27 -30.96
N GLU A 549 -12.17 2.57 -31.03
CA GLU A 549 -12.29 3.28 -32.29
C GLU A 549 -11.28 2.77 -33.31
N LYS A 550 -10.08 2.43 -32.86
CA LYS A 550 -9.09 1.88 -33.77
C LYS A 550 -9.57 0.54 -34.34
N ALA A 551 -10.12 -0.32 -33.49
CA ALA A 551 -10.62 -1.61 -33.96
C ALA A 551 -11.74 -1.43 -34.97
N THR A 552 -12.72 -0.59 -34.65
CA THR A 552 -13.82 -0.33 -35.57
C THR A 552 -13.31 0.21 -36.91
N LEU A 553 -12.40 1.19 -36.84
CA LEU A 553 -11.99 1.89 -38.04
C LEU A 553 -11.10 1.01 -38.92
N LYS A 554 -10.32 0.12 -38.31
CA LYS A 554 -9.54 -0.82 -39.11
C LYS A 554 -10.44 -1.89 -39.72
N ALA A 555 -11.42 -2.39 -38.97
CA ALA A 555 -12.29 -3.43 -39.49
C ALA A 555 -13.14 -2.93 -40.65
N VAL A 556 -13.55 -1.66 -40.61
CA VAL A 556 -14.31 -1.13 -41.73
C VAL A 556 -13.41 -0.88 -42.94
N GLY A 557 -12.20 -0.38 -42.71
CA GLY A 557 -11.25 -0.17 -43.78
C GLY A 557 -10.82 1.27 -44.02
N TRP A 558 -11.10 2.18 -43.09
CA TRP A 558 -10.57 3.53 -43.23
C TRP A 558 -9.09 3.57 -42.85
N ALA A 559 -8.47 4.70 -43.14
CA ALA A 559 -7.08 4.92 -42.76
C ALA A 559 -6.90 6.39 -42.45
N VAL A 560 -6.21 6.69 -41.35
CA VAL A 560 -6.00 8.07 -40.90
C VAL A 560 -4.67 8.56 -41.44
N GLU A 561 -4.64 9.81 -41.88
CA GLU A 561 -3.45 10.43 -42.42
C GLU A 561 -2.86 11.42 -41.42
N ARG A 562 -1.73 12.03 -41.80
CA ARG A 562 -1.06 12.97 -40.90
C ARG A 562 -1.94 14.18 -40.64
N LYS A 563 -2.30 14.90 -41.69
CA LYS A 563 -3.34 15.91 -41.56
C LYS A 563 -4.64 15.24 -41.18
N ASN A 564 -5.62 16.05 -40.76
CA ASN A 564 -6.86 15.51 -40.23
C ASN A 564 -7.58 14.60 -41.20
N SER A 565 -7.28 14.68 -42.49
CA SER A 565 -7.96 13.83 -43.46
C SER A 565 -7.72 12.35 -43.16
N ASN A 566 -8.77 11.55 -43.27
CA ASN A 566 -8.68 10.10 -43.22
C ASN A 566 -9.32 9.55 -44.48
N TYR A 567 -8.50 8.93 -45.32
CA TYR A 567 -8.93 8.57 -46.67
C TYR A 567 -8.15 7.34 -47.11
N ARG A 568 -8.12 7.10 -48.42
CA ARG A 568 -7.44 5.97 -49.03
C ARG A 568 -8.10 4.65 -48.64
N GLU A 569 -9.42 4.67 -48.47
CA GLU A 569 -10.20 3.47 -48.20
C GLU A 569 -10.76 2.84 -49.47
N GLY A 570 -10.39 3.36 -50.64
CA GLY A 570 -10.94 2.88 -51.89
C GLY A 570 -12.31 3.40 -52.24
N THR A 571 -12.85 4.33 -51.43
CA THR A 571 -14.18 4.87 -51.69
C THR A 571 -14.23 6.39 -51.75
N GLY A 572 -13.14 7.08 -51.44
CA GLY A 572 -13.12 8.52 -51.54
C GLY A 572 -12.06 9.13 -50.63
N LYS A 573 -12.16 10.44 -50.49
CA LYS A 573 -11.28 11.21 -49.61
C LYS A 573 -12.14 11.97 -48.60
N LEU A 574 -11.80 11.81 -47.32
CA LEU A 574 -12.57 12.42 -46.25
C LEU A 574 -11.63 13.19 -45.34
N ASP A 575 -12.06 14.36 -44.90
CA ASP A 575 -11.28 15.19 -44.00
C ASP A 575 -12.19 15.80 -42.93
N ILE A 576 -11.67 15.89 -41.73
CA ILE A 576 -12.42 16.32 -40.55
C ILE A 576 -12.16 17.79 -40.32
N ILE A 577 -13.22 18.60 -40.39
CA ILE A 577 -13.06 20.05 -40.22
C ILE A 577 -12.97 20.42 -38.76
N ARG A 578 -14.03 20.16 -38.00
CA ARG A 578 -14.06 20.52 -36.59
C ARG A 578 -14.88 19.50 -35.83
N ARG A 579 -14.34 19.04 -34.70
CA ARG A 579 -14.97 18.01 -33.91
C ARG A 579 -15.28 18.52 -32.51
N PHE A 580 -16.23 17.85 -31.87
CA PHE A 580 -16.65 18.16 -30.51
C PHE A 580 -16.17 17.08 -29.56
N GLN A 581 -15.87 17.47 -28.32
CA GLN A 581 -15.37 16.52 -27.35
C GLN A 581 -16.45 15.54 -26.95
N PHE A 582 -16.05 14.49 -26.22
CA PHE A 582 -16.95 13.49 -25.69
C PHE A 582 -17.03 13.62 -24.18
N SER A 583 -18.24 13.79 -23.66
CA SER A 583 -18.46 14.00 -22.24
C SER A 583 -19.34 12.89 -21.68
N SER A 584 -19.10 12.52 -20.42
CA SER A 584 -19.89 11.45 -19.81
C SER A 584 -21.37 11.83 -19.75
N ALA A 585 -21.66 13.08 -19.40
CA ALA A 585 -23.03 13.58 -19.45
C ALA A 585 -23.45 13.75 -20.89
N LEU A 586 -24.71 13.44 -21.18
CA LEU A 586 -25.24 13.38 -22.55
C LEU A 586 -24.22 12.72 -23.48
N LYS A 587 -23.79 11.52 -23.07
CA LYS A 587 -22.68 10.85 -23.74
C LYS A 587 -22.95 10.63 -25.23
N ARG A 588 -22.15 11.30 -26.05
CA ARG A 588 -22.18 11.20 -27.49
C ARG A 588 -21.03 12.04 -28.02
N SER A 589 -20.62 11.77 -29.25
CA SER A 589 -19.56 12.51 -29.90
C SER A 589 -20.02 12.87 -31.30
N ALA A 590 -19.77 14.11 -31.70
CA ALA A 590 -20.13 14.57 -33.03
C ALA A 590 -18.95 15.28 -33.66
N SER A 591 -18.89 15.21 -34.98
CA SER A 591 -17.84 15.89 -35.74
C SER A 591 -18.42 16.35 -37.06
N ILE A 592 -17.81 17.37 -37.63
CA ILE A 592 -18.20 17.89 -38.93
C ILE A 592 -17.14 17.49 -39.93
N ALA A 593 -17.56 16.99 -41.08
CA ALA A 593 -16.65 16.52 -42.11
C ALA A 593 -17.00 17.18 -43.42
N SER A 594 -16.37 16.71 -44.49
CA SER A 594 -16.65 17.20 -45.82
C SER A 594 -16.15 16.18 -46.84
N HIS A 595 -16.96 15.92 -47.85
CA HIS A 595 -16.58 15.04 -48.94
C HIS A 595 -16.34 15.87 -50.20
N ASN A 596 -15.92 15.20 -51.27
CA ASN A 596 -15.64 15.90 -52.52
C ASN A 596 -16.87 16.64 -53.03
N ASP A 597 -18.06 16.12 -52.75
CA ASP A 597 -19.27 16.76 -53.24
C ASP A 597 -19.71 17.91 -52.34
N ALA A 598 -20.02 17.62 -51.08
CA ALA A 598 -20.64 18.61 -50.22
C ALA A 598 -20.20 18.35 -48.78
N LEU A 599 -20.93 18.95 -47.83
CA LEU A 599 -20.59 18.92 -46.42
C LEU A 599 -21.72 18.25 -45.64
N PHE A 600 -21.35 17.45 -44.65
CA PHE A 600 -22.33 16.80 -43.78
C PHE A 600 -21.75 16.73 -42.37
N ALA A 601 -22.38 15.94 -41.50
CA ALA A 601 -21.96 15.82 -40.12
C ALA A 601 -22.21 14.39 -39.65
N ALA A 602 -21.45 13.96 -38.65
CA ALA A 602 -21.62 12.65 -38.06
C ALA A 602 -21.78 12.76 -36.55
N VAL A 603 -22.40 11.74 -35.95
CA VAL A 603 -22.59 11.68 -34.51
C VAL A 603 -22.71 10.21 -34.09
N LYS A 604 -22.05 9.87 -32.99
CA LYS A 604 -22.00 8.49 -32.51
C LYS A 604 -22.04 8.50 -31.00
N GLY A 605 -23.11 7.95 -30.42
CA GLY A 605 -23.25 7.91 -28.99
C GLY A 605 -24.11 6.73 -28.59
N ALA A 606 -24.33 6.59 -27.29
CA ALA A 606 -25.17 5.53 -26.78
C ALA A 606 -26.55 5.62 -27.44
N PRO A 607 -27.20 4.49 -27.72
CA PRO A 607 -28.40 4.53 -28.56
C PRO A 607 -29.58 5.19 -27.89
N GLU A 608 -29.64 5.16 -26.57
CA GLU A 608 -30.74 5.76 -25.84
C GLU A 608 -30.82 7.26 -26.10
N THR A 609 -29.70 7.96 -25.92
CA THR A 609 -29.69 9.41 -26.12
C THR A 609 -29.90 9.76 -27.59
N ILE A 610 -29.31 8.99 -28.50
CA ILE A 610 -29.47 9.28 -29.93
C ILE A 610 -30.91 9.08 -30.35
N ARG A 611 -31.64 8.20 -29.68
CA ARG A 611 -33.05 7.98 -30.05
C ARG A 611 -33.85 9.27 -29.96
N GLU A 612 -33.72 9.98 -28.84
CA GLU A 612 -34.51 11.19 -28.61
C GLU A 612 -33.97 12.38 -29.37
N ARG A 613 -33.10 12.18 -30.36
CA ARG A 613 -32.52 13.27 -31.12
C ARG A 613 -33.03 13.30 -32.55
N LEU A 614 -32.88 12.21 -33.29
CA LEU A 614 -33.26 12.20 -34.69
C LEU A 614 -34.77 12.18 -34.84
N SER A 615 -35.24 12.57 -36.02
CA SER A 615 -36.68 12.63 -36.28
C SER A 615 -37.20 11.28 -36.75
N ASP A 616 -36.67 10.78 -37.86
CA ASP A 616 -37.07 9.49 -38.39
C ASP A 616 -36.69 8.39 -37.40
N ILE A 617 -37.69 7.73 -36.82
CA ILE A 617 -37.50 6.65 -35.87
C ILE A 617 -37.95 5.36 -36.54
N PRO A 618 -37.05 4.41 -36.78
CA PRO A 618 -37.49 3.12 -37.35
C PRO A 618 -38.41 2.41 -36.39
N LYS A 619 -39.33 1.62 -36.96
CA LYS A 619 -40.38 1.01 -36.16
C LYS A 619 -39.83 0.05 -35.12
N ASN A 620 -38.65 -0.52 -35.35
CA ASN A 620 -38.09 -1.52 -34.46
C ASN A 620 -36.79 -1.06 -33.78
N TYR A 621 -36.58 0.26 -33.73
CA TYR A 621 -35.40 0.77 -33.04
C TYR A 621 -35.39 0.38 -31.57
N ASP A 622 -36.57 0.37 -30.94
CA ASP A 622 -36.64 -0.01 -29.53
C ASP A 622 -36.26 -1.47 -29.33
N GLU A 623 -36.68 -2.33 -30.26
CA GLU A 623 -36.48 -3.77 -30.08
C GLU A 623 -35.05 -4.19 -30.40
N ILE A 624 -34.44 -3.56 -31.41
CA ILE A 624 -33.20 -4.11 -31.96
C ILE A 624 -32.06 -4.00 -30.97
N TYR A 625 -31.88 -2.82 -30.37
CA TYR A 625 -30.73 -2.66 -29.48
C TYR A 625 -30.94 -3.39 -28.17
N LYS A 626 -32.18 -3.66 -27.79
CA LYS A 626 -32.41 -4.52 -26.64
C LYS A 626 -32.13 -5.98 -26.97
N SER A 627 -32.45 -6.41 -28.19
CA SER A 627 -32.16 -7.78 -28.58
C SER A 627 -30.68 -8.01 -28.72
N PHE A 628 -29.92 -6.97 -29.08
CA PHE A 628 -28.48 -7.12 -29.21
C PHE A 628 -27.74 -6.87 -27.91
N THR A 629 -28.32 -6.09 -27.00
CA THR A 629 -27.62 -5.80 -25.75
C THR A 629 -27.83 -6.89 -24.71
N ARG A 630 -28.97 -7.59 -24.76
CA ARG A 630 -29.25 -8.64 -23.79
C ARG A 630 -28.16 -9.70 -23.79
N SER A 631 -27.65 -10.05 -24.96
CA SER A 631 -26.68 -11.13 -25.09
C SER A 631 -25.30 -10.55 -25.43
N GLY A 632 -24.59 -10.13 -24.39
CA GLY A 632 -23.18 -9.82 -24.52
C GLY A 632 -22.80 -8.54 -25.23
N SER A 633 -23.32 -8.35 -26.45
CA SER A 633 -22.84 -7.29 -27.33
C SER A 633 -23.00 -5.92 -26.69
N ARG A 634 -22.32 -4.94 -27.27
CA ARG A 634 -22.30 -3.57 -26.77
C ARG A 634 -22.49 -2.62 -27.94
N VAL A 635 -23.68 -2.05 -28.07
CA VAL A 635 -24.07 -1.37 -29.29
C VAL A 635 -23.85 0.13 -29.15
N LEU A 636 -23.76 0.80 -30.30
CA LEU A 636 -23.73 2.26 -30.40
C LEU A 636 -24.52 2.65 -31.64
N ALA A 637 -24.95 3.91 -31.68
CA ALA A 637 -25.77 4.39 -32.78
C ALA A 637 -24.97 5.30 -33.70
N LEU A 638 -25.35 5.34 -34.96
CA LEU A 638 -24.72 6.20 -35.96
C LEU A 638 -25.80 6.94 -36.72
N ALA A 639 -25.76 8.27 -36.67
CA ALA A 639 -26.72 9.10 -37.38
C ALA A 639 -25.98 10.25 -38.04
N SER A 640 -26.58 10.78 -39.11
CA SER A 640 -25.94 11.81 -39.92
C SER A 640 -26.95 12.88 -40.29
N LYS A 641 -26.47 13.86 -41.07
CA LYS A 641 -27.30 14.92 -41.61
C LYS A 641 -26.51 15.68 -42.65
N SER A 642 -27.14 15.96 -43.80
CA SER A 642 -26.51 16.82 -44.80
C SER A 642 -26.57 18.27 -44.35
N LEU A 643 -25.44 18.96 -44.44
CA LEU A 643 -25.32 20.32 -43.92
C LEU A 643 -24.67 21.22 -44.98
N PRO A 644 -25.41 22.19 -45.53
CA PRO A 644 -24.79 23.13 -46.47
C PRO A 644 -23.99 24.20 -45.74
N LYS A 645 -22.97 24.70 -46.44
CA LYS A 645 -22.07 25.71 -45.87
C LYS A 645 -22.82 27.01 -45.56
N ASP A 653 -17.97 27.05 -37.93
CA ASP A 653 -17.79 27.38 -36.52
C ASP A 653 -19.10 27.88 -35.92
N LEU A 654 -19.78 27.00 -35.17
CA LEU A 654 -21.05 27.33 -34.54
C LEU A 654 -21.24 26.42 -33.34
N ASN A 655 -22.39 26.55 -32.69
CA ASN A 655 -22.64 25.85 -31.44
C ASN A 655 -22.91 24.37 -31.68
N ARG A 656 -23.10 23.61 -30.60
CA ARG A 656 -23.27 22.18 -30.71
C ARG A 656 -24.73 21.76 -30.86
N ASP A 657 -25.66 22.46 -30.21
CA ASP A 657 -27.06 22.05 -30.25
C ASP A 657 -27.70 22.29 -31.60
N ASP A 658 -26.96 22.83 -32.58
CA ASP A 658 -27.49 23.03 -33.92
C ASP A 658 -27.15 21.86 -34.83
N VAL A 659 -25.90 21.38 -34.78
CA VAL A 659 -25.51 20.25 -35.62
C VAL A 659 -26.23 18.98 -35.18
N GLU A 660 -26.49 18.83 -33.88
CA GLU A 660 -27.21 17.68 -33.34
C GLU A 660 -28.71 17.91 -33.24
N SER A 661 -29.26 18.79 -34.09
CA SER A 661 -30.67 19.12 -33.99
C SER A 661 -31.54 17.99 -34.52
N GLU A 662 -31.42 17.68 -35.81
CA GLU A 662 -32.20 16.64 -36.45
C GLU A 662 -31.25 15.75 -37.24
N LEU A 663 -31.51 14.45 -37.22
CA LEU A 663 -30.58 13.48 -37.78
C LEU A 663 -31.34 12.44 -38.58
N THR A 664 -30.59 11.57 -39.26
CA THR A 664 -31.12 10.48 -40.04
C THR A 664 -30.37 9.21 -39.67
N PHE A 665 -31.08 8.12 -39.46
CA PHE A 665 -30.44 6.92 -38.95
C PHE A 665 -29.61 6.23 -40.04
N ASN A 666 -28.53 5.58 -39.61
CA ASN A 666 -27.66 4.86 -40.54
C ASN A 666 -27.21 3.50 -40.07
N GLY A 667 -27.53 3.07 -38.86
CA GLY A 667 -27.24 1.72 -38.43
C GLY A 667 -26.69 1.72 -37.02
N PHE A 668 -26.27 0.53 -36.59
CA PHE A 668 -25.70 0.33 -35.27
C PHE A 668 -24.24 -0.09 -35.40
N LEU A 669 -23.54 -0.12 -34.27
CA LEU A 669 -22.17 -0.61 -34.19
C LEU A 669 -22.11 -1.64 -33.08
N ILE A 670 -21.96 -2.91 -33.44
CA ILE A 670 -22.14 -4.01 -32.51
C ILE A 670 -20.79 -4.68 -32.24
N PHE A 671 -20.29 -4.52 -31.01
CA PHE A 671 -19.03 -5.09 -30.60
C PHE A 671 -19.25 -6.20 -29.60
N HIS A 672 -18.34 -7.17 -29.57
CA HIS A 672 -18.36 -8.26 -28.61
C HIS A 672 -17.07 -8.19 -27.81
N CYS A 673 -17.15 -7.71 -26.57
CA CYS A 673 -15.98 -7.55 -25.74
C CYS A 673 -15.71 -8.86 -24.98
N PRO A 674 -14.65 -9.59 -25.30
CA PRO A 674 -14.43 -10.88 -24.67
C PRO A 674 -13.69 -10.76 -23.35
N LEU A 675 -13.91 -11.75 -22.48
CA LEU A 675 -13.33 -11.74 -21.15
C LEU A 675 -11.82 -11.96 -21.20
N LYS A 676 -11.16 -11.52 -20.14
CA LYS A 676 -9.76 -11.89 -19.96
C LYS A 676 -9.66 -13.39 -19.71
N ASP A 677 -8.56 -13.99 -20.17
CA ASP A 677 -8.37 -15.42 -20.00
C ASP A 677 -8.27 -15.84 -18.53
N ASP A 678 -7.95 -14.91 -17.64
CA ASP A 678 -7.69 -15.22 -16.24
C ASP A 678 -8.81 -14.78 -15.32
N ALA A 679 -9.95 -14.34 -15.85
CA ALA A 679 -11.01 -13.82 -15.01
C ALA A 679 -11.79 -14.93 -14.32
N ILE A 680 -12.19 -15.95 -15.07
CA ILE A 680 -13.06 -16.98 -14.52
C ILE A 680 -12.37 -17.72 -13.39
N GLU A 681 -11.08 -18.05 -13.56
CA GLU A 681 -10.37 -18.79 -12.52
C GLU A 681 -10.19 -17.96 -11.26
N THR A 682 -9.84 -16.68 -11.42
CA THR A 682 -9.70 -15.83 -10.23
C THR A 682 -11.01 -15.69 -9.48
N ILE A 683 -12.11 -15.46 -10.21
CA ILE A 683 -13.39 -15.30 -9.52
C ILE A 683 -13.81 -16.61 -8.87
N LYS A 684 -13.51 -17.75 -9.52
CA LYS A 684 -13.85 -19.03 -8.92
C LYS A 684 -13.07 -19.26 -7.63
N MET A 685 -11.77 -18.94 -7.64
CA MET A 685 -10.96 -19.12 -6.45
C MET A 685 -11.43 -18.20 -5.33
N LEU A 686 -11.74 -16.94 -5.65
CA LEU A 686 -12.23 -16.02 -4.63
C LEU A 686 -13.58 -16.46 -4.09
N ASN A 687 -14.43 -17.07 -4.92
CA ASN A 687 -15.72 -17.53 -4.44
C ASN A 687 -15.57 -18.73 -3.53
N GLU A 688 -14.63 -19.63 -3.85
CA GLU A 688 -14.43 -20.81 -3.02
C GLU A 688 -13.61 -20.53 -1.76
N SER A 689 -12.90 -19.40 -1.69
CA SER A 689 -12.02 -19.11 -0.58
C SER A 689 -12.64 -18.18 0.45
N SER A 690 -13.96 -18.28 0.66
CA SER A 690 -14.65 -17.52 1.70
C SER A 690 -14.56 -16.01 1.50
N HIS A 691 -14.55 -15.57 0.24
CA HIS A 691 -14.64 -14.17 -0.12
C HIS A 691 -15.91 -13.93 -0.91
N ARG A 692 -16.52 -12.77 -0.70
CA ARG A 692 -17.64 -12.34 -1.52
C ARG A 692 -17.15 -11.31 -2.53
N SER A 693 -17.41 -11.57 -3.80
CA SER A 693 -16.95 -10.72 -4.88
C SER A 693 -18.15 -10.14 -5.60
N ILE A 694 -18.24 -8.81 -5.65
CA ILE A 694 -19.34 -8.10 -6.28
C ILE A 694 -18.81 -7.25 -7.41
N MET A 695 -19.71 -6.77 -8.27
CA MET A 695 -19.35 -5.98 -9.43
C MET A 695 -19.94 -4.58 -9.31
N ILE A 696 -19.14 -3.58 -9.67
CA ILE A 696 -19.56 -2.18 -9.64
C ILE A 696 -19.13 -1.56 -10.97
N THR A 697 -20.09 -1.39 -11.88
CA THR A 697 -19.78 -1.02 -13.25
C THR A 697 -20.53 0.23 -13.66
N GLY A 698 -20.32 0.65 -14.91
CA GLY A 698 -20.97 1.82 -15.44
C GLY A 698 -21.79 1.57 -16.69
N ASP A 699 -21.81 0.33 -17.19
CA ASP A 699 -22.60 -0.01 -18.36
C ASP A 699 -24.06 -0.23 -17.97
N ASN A 700 -24.92 -0.32 -18.98
CA ASN A 700 -26.34 -0.51 -18.71
C ASN A 700 -26.56 -1.88 -18.07
N PRO A 701 -27.66 -2.07 -17.35
CA PRO A 701 -27.78 -3.25 -16.49
C PRO A 701 -27.72 -4.58 -17.21
N LEU A 702 -28.23 -4.68 -18.44
CA LEU A 702 -28.33 -5.99 -19.08
C LEU A 702 -26.95 -6.56 -19.40
N THR A 703 -26.05 -5.73 -19.94
CA THR A 703 -24.70 -6.20 -20.22
C THR A 703 -23.96 -6.55 -18.94
N ALA A 704 -24.18 -5.77 -17.88
CA ALA A 704 -23.55 -6.07 -16.60
C ALA A 704 -24.02 -7.41 -16.07
N VAL A 705 -25.33 -7.68 -16.11
CA VAL A 705 -25.85 -8.95 -15.63
C VAL A 705 -25.31 -10.10 -16.48
N HIS A 706 -25.22 -9.91 -17.79
CA HIS A 706 -24.73 -11.00 -18.63
C HIS A 706 -23.26 -11.31 -18.34
N VAL A 707 -22.42 -10.30 -18.23
CA VAL A 707 -21.01 -10.56 -17.92
C VAL A 707 -20.87 -11.17 -16.53
N ALA A 708 -21.65 -10.69 -15.57
CA ALA A 708 -21.56 -11.26 -14.23
C ALA A 708 -22.00 -12.71 -14.22
N LYS A 709 -23.01 -13.05 -15.01
CA LYS A 709 -23.47 -14.43 -15.06
C LYS A 709 -22.46 -15.32 -15.77
N GLU A 710 -21.74 -14.78 -16.75
CA GLU A 710 -20.73 -15.56 -17.46
C GLU A 710 -19.47 -15.76 -16.63
N VAL A 711 -19.13 -14.79 -15.77
CA VAL A 711 -17.91 -14.92 -14.96
C VAL A 711 -18.15 -15.79 -13.74
N GLY A 712 -19.31 -15.65 -13.10
CA GLY A 712 -19.59 -16.46 -11.93
C GLY A 712 -19.89 -15.68 -10.68
N ILE A 713 -20.42 -14.47 -10.82
CA ILE A 713 -20.76 -13.66 -9.65
C ILE A 713 -22.23 -13.84 -9.27
N VAL A 714 -23.12 -14.03 -10.24
CA VAL A 714 -24.51 -14.37 -9.98
C VAL A 714 -24.79 -15.74 -10.58
N PHE A 715 -25.56 -16.56 -9.89
CA PHE A 715 -25.84 -17.92 -10.34
C PHE A 715 -27.24 -18.06 -10.94
N GLY A 716 -28.28 -17.78 -10.16
CA GLY A 716 -29.64 -18.09 -10.56
C GLY A 716 -30.22 -17.05 -11.50
N GLU A 717 -31.52 -16.83 -11.38
CA GLU A 717 -32.14 -15.71 -12.07
C GLU A 717 -31.62 -14.40 -11.47
N THR A 718 -32.06 -13.29 -12.02
CA THR A 718 -31.66 -11.99 -11.51
C THR A 718 -32.75 -10.97 -11.75
N LEU A 719 -32.97 -10.11 -10.78
CA LEU A 719 -33.92 -9.01 -10.87
C LEU A 719 -33.18 -7.69 -10.90
N ILE A 720 -33.80 -6.69 -11.52
CA ILE A 720 -33.17 -5.38 -11.71
C ILE A 720 -34.09 -4.31 -11.16
N LEU A 721 -33.52 -3.33 -10.47
CA LEU A 721 -34.26 -2.18 -9.96
C LEU A 721 -34.07 -0.99 -10.89
N ASP A 722 -35.13 -0.52 -11.51
CA ASP A 722 -35.05 0.63 -12.40
C ASP A 722 -36.33 1.44 -12.32
N ARG A 723 -36.32 2.57 -13.02
CA ARG A 723 -37.52 3.38 -13.16
C ARG A 723 -38.57 2.62 -13.97
N ALA A 724 -39.83 2.78 -13.58
CA ALA A 724 -40.90 2.07 -14.26
C ALA A 724 -41.13 2.62 -15.66
N GLY A 725 -41.28 3.94 -15.78
CA GLY A 725 -41.52 4.59 -17.05
C GLY A 725 -40.70 5.86 -17.19
N LYS A 726 -41.04 6.61 -18.24
CA LYS A 726 -40.36 7.88 -18.48
C LYS A 726 -40.62 8.91 -17.39
N SER A 727 -41.71 8.75 -16.64
CA SER A 727 -42.01 9.70 -15.58
C SER A 727 -40.98 9.59 -14.47
N ASP A 728 -40.40 10.73 -14.08
CA ASP A 728 -39.42 10.77 -13.01
C ASP A 728 -40.11 11.09 -11.67
N ASP A 729 -41.10 10.26 -11.36
CA ASP A 729 -41.85 10.38 -10.12
C ASP A 729 -41.27 9.52 -9.00
N ASN A 730 -40.07 8.98 -9.21
CA ASN A 730 -39.37 8.18 -8.20
C ASN A 730 -40.18 6.96 -7.79
N GLN A 731 -40.44 6.10 -8.78
CA GLN A 731 -41.10 4.82 -8.54
C GLN A 731 -40.36 3.73 -9.30
N LEU A 732 -39.87 2.74 -8.58
CA LEU A 732 -39.03 1.68 -9.11
C LEU A 732 -39.86 0.49 -9.55
N LEU A 733 -39.20 -0.43 -10.25
CA LEU A 733 -39.81 -1.69 -10.68
C LEU A 733 -38.77 -2.79 -10.62
N PHE A 734 -39.13 -3.92 -10.02
CA PHE A 734 -38.29 -5.12 -10.05
C PHE A 734 -38.56 -5.86 -11.35
N ARG A 735 -37.70 -5.67 -12.34
CA ARG A 735 -37.86 -6.33 -13.63
C ARG A 735 -36.81 -7.42 -13.76
N ASP A 736 -36.97 -8.25 -14.78
CA ASP A 736 -36.04 -9.32 -15.06
C ASP A 736 -35.49 -9.18 -16.46
N VAL A 737 -34.34 -9.83 -16.72
CA VAL A 737 -33.70 -9.74 -18.03
C VAL A 737 -34.68 -10.12 -19.13
N GLU A 738 -35.44 -11.18 -18.91
CA GLU A 738 -36.66 -11.43 -19.67
C GLU A 738 -37.82 -10.81 -18.91
N GLU A 739 -38.77 -10.20 -19.63
CA GLU A 739 -39.77 -9.38 -18.97
C GLU A 739 -40.91 -10.22 -18.41
N THR A 740 -40.63 -11.50 -18.13
CA THR A 740 -41.69 -12.40 -17.66
C THR A 740 -42.21 -11.98 -16.29
N VAL A 741 -41.33 -11.68 -15.35
CA VAL A 741 -41.71 -11.33 -13.99
C VAL A 741 -41.43 -9.85 -13.76
N SER A 742 -42.43 -9.12 -13.25
CA SER A 742 -42.31 -7.69 -12.98
C SER A 742 -43.01 -7.41 -11.65
N ILE A 743 -42.25 -7.08 -10.63
CA ILE A 743 -42.76 -6.85 -9.28
C ILE A 743 -42.61 -5.37 -8.98
N PRO A 744 -43.71 -4.64 -8.76
CA PRO A 744 -43.59 -3.21 -8.48
C PRO A 744 -43.10 -2.96 -7.06
N PHE A 745 -42.41 -1.83 -6.91
CA PHE A 745 -41.92 -1.38 -5.61
C PHE A 745 -42.00 0.13 -5.55
N ASP A 746 -42.22 0.65 -4.35
CA ASP A 746 -42.30 2.10 -4.13
C ASP A 746 -41.39 2.48 -2.99
N PRO A 747 -40.54 3.50 -3.15
CA PRO A 747 -39.57 3.81 -2.09
C PRO A 747 -40.20 4.44 -0.85
N SER A 748 -41.34 5.11 -1.02
CA SER A 748 -41.92 5.83 0.12
C SER A 748 -42.56 4.88 1.13
N LYS A 749 -43.36 3.92 0.66
CA LYS A 749 -44.16 3.09 1.54
C LYS A 749 -43.67 1.65 1.65
N ASP A 750 -43.47 1.00 0.50
CA ASP A 750 -43.19 -0.43 0.49
C ASP A 750 -41.86 -0.74 1.18
N THR A 751 -41.78 -1.91 1.79
CA THR A 751 -40.56 -2.42 2.38
C THR A 751 -40.24 -3.77 1.77
N PHE A 752 -38.94 -4.05 1.60
CA PHE A 752 -38.53 -5.27 0.92
C PHE A 752 -39.03 -6.50 1.65
N ASP A 753 -39.55 -7.46 0.90
CA ASP A 753 -39.92 -8.76 1.45
C ASP A 753 -38.73 -9.70 1.32
N HIS A 754 -38.33 -10.29 2.45
CA HIS A 754 -37.11 -11.08 2.46
C HIS A 754 -37.26 -12.36 1.65
N SER A 755 -38.17 -13.23 2.08
CA SER A 755 -38.29 -14.55 1.45
C SER A 755 -38.98 -14.50 0.10
N LYS A 756 -39.65 -13.40 -0.24
CA LYS A 756 -40.26 -13.30 -1.56
C LYS A 756 -39.27 -12.90 -2.63
N LEU A 757 -38.26 -12.09 -2.30
CA LEU A 757 -37.34 -11.57 -3.29
C LEU A 757 -35.91 -12.05 -3.07
N PHE A 758 -35.32 -11.83 -1.90
CA PHE A 758 -33.90 -12.06 -1.75
C PHE A 758 -33.54 -13.53 -1.68
N ASP A 759 -34.47 -14.38 -1.26
CA ASP A 759 -34.21 -15.81 -1.14
C ASP A 759 -34.36 -16.57 -2.44
N ARG A 760 -34.54 -15.89 -3.57
CA ARG A 760 -34.74 -16.56 -4.84
C ARG A 760 -33.96 -15.98 -6.01
N TYR A 761 -33.55 -14.71 -5.96
CA TYR A 761 -33.29 -14.00 -7.20
C TYR A 761 -31.92 -13.34 -7.34
N ASP A 762 -31.16 -13.13 -6.27
CA ASP A 762 -29.81 -12.56 -6.37
C ASP A 762 -29.82 -11.25 -7.14
N ILE A 763 -30.52 -10.25 -6.59
CA ILE A 763 -30.92 -9.11 -7.40
C ILE A 763 -29.74 -8.17 -7.65
N ALA A 764 -29.94 -7.24 -8.57
CA ALA A 764 -28.94 -6.27 -8.99
C ALA A 764 -29.55 -4.88 -9.05
N VAL A 765 -28.78 -3.88 -8.61
CA VAL A 765 -29.28 -2.53 -8.37
C VAL A 765 -28.67 -1.58 -9.40
N THR A 766 -29.47 -0.63 -9.86
CA THR A 766 -29.01 0.42 -10.76
C THR A 766 -28.60 1.64 -9.94
N GLY A 767 -27.86 2.55 -10.57
CA GLY A 767 -27.48 3.77 -9.89
C GLY A 767 -28.66 4.67 -9.56
N TYR A 768 -29.66 4.70 -10.43
CA TYR A 768 -30.83 5.53 -10.18
C TYR A 768 -31.66 4.98 -9.03
N ALA A 769 -31.86 3.67 -8.98
CA ALA A 769 -32.60 3.10 -7.86
C ALA A 769 -31.82 3.19 -6.56
N LEU A 770 -30.49 3.20 -6.64
CA LEU A 770 -29.69 3.42 -5.43
C LEU A 770 -29.78 4.86 -4.97
N ASN A 771 -29.91 5.81 -5.90
CA ASN A 771 -30.05 7.21 -5.54
C ASN A 771 -31.42 7.49 -4.96
N ALA A 772 -32.46 6.83 -5.48
CA ALA A 772 -33.81 7.11 -5.02
C ALA A 772 -34.10 6.46 -3.67
N LEU A 773 -33.36 5.41 -3.32
CA LEU A 773 -33.58 4.71 -2.07
C LEU A 773 -32.80 5.29 -0.90
N GLU A 774 -32.19 6.45 -1.06
CA GLU A 774 -31.47 7.08 0.03
C GLU A 774 -32.42 7.37 1.19
N GLY A 775 -31.94 7.16 2.41
CA GLY A 775 -32.73 7.41 3.59
C GLY A 775 -33.71 6.33 3.94
N HIS A 776 -33.88 5.32 3.10
CA HIS A 776 -34.75 4.21 3.44
C HIS A 776 -34.25 3.49 4.68
N SER A 777 -35.16 2.84 5.39
CA SER A 777 -34.77 2.08 6.57
C SER A 777 -34.11 0.77 6.19
N GLN A 778 -34.38 0.26 5.00
CA GLN A 778 -33.85 -1.02 4.55
C GLN A 778 -32.77 -0.89 3.49
N LEU A 779 -32.14 0.28 3.39
CA LEU A 779 -31.00 0.41 2.48
C LEU A 779 -29.87 -0.52 2.92
N ARG A 780 -29.62 -0.60 4.22
CA ARG A 780 -28.56 -1.47 4.71
C ARG A 780 -29.00 -2.92 4.83
N ASP A 781 -30.27 -3.22 4.59
CA ASP A 781 -30.70 -4.61 4.44
C ASP A 781 -30.66 -5.02 2.98
N LEU A 782 -30.75 -4.07 2.06
CA LEU A 782 -30.61 -4.39 0.64
C LEU A 782 -29.14 -4.48 0.24
N LEU A 783 -28.28 -3.67 0.84
CA LEU A 783 -26.87 -3.69 0.45
C LEU A 783 -26.13 -4.94 0.93
N ARG A 784 -26.83 -5.90 1.53
CA ARG A 784 -26.21 -7.18 1.86
C ARG A 784 -26.54 -8.25 0.84
N HIS A 785 -27.69 -8.16 0.19
CA HIS A 785 -28.20 -9.23 -0.66
C HIS A 785 -28.11 -8.92 -2.15
N THR A 786 -27.39 -7.87 -2.54
CA THR A 786 -27.20 -7.57 -3.95
C THR A 786 -25.73 -7.67 -4.33
N TRP A 787 -25.47 -8.16 -5.55
CA TRP A 787 -24.12 -8.46 -6.00
C TRP A 787 -23.68 -7.72 -7.26
N VAL A 788 -24.57 -6.98 -7.92
CA VAL A 788 -24.24 -6.32 -9.18
C VAL A 788 -24.88 -4.93 -9.17
N TYR A 789 -24.04 -3.90 -9.22
CA TYR A 789 -24.51 -2.53 -9.36
C TYR A 789 -24.14 -2.02 -10.75
N ALA A 790 -25.13 -1.53 -11.49
CA ALA A 790 -24.91 -1.06 -12.85
C ALA A 790 -25.39 0.37 -12.99
N ARG A 791 -24.78 1.09 -13.93
CA ARG A 791 -25.08 2.49 -14.19
C ARG A 791 -24.87 3.36 -12.95
N VAL A 792 -23.72 3.21 -12.32
CA VAL A 792 -23.35 4.05 -11.18
C VAL A 792 -22.33 5.07 -11.63
N SER A 793 -22.47 6.30 -11.14
CA SER A 793 -21.57 7.38 -11.48
C SER A 793 -20.33 7.34 -10.59
N PRO A 794 -19.23 7.98 -11.02
CA PRO A 794 -17.98 7.90 -10.26
C PRO A 794 -18.10 8.34 -8.81
N SER A 795 -19.15 9.08 -8.48
CA SER A 795 -19.32 9.53 -7.10
C SER A 795 -20.04 8.50 -6.24
N GLN A 796 -20.83 7.63 -6.85
CA GLN A 796 -21.57 6.63 -6.07
C GLN A 796 -20.72 5.43 -5.69
N LYS A 797 -19.62 5.17 -6.41
CA LYS A 797 -18.72 4.12 -5.97
C LYS A 797 -18.10 4.46 -4.62
N GLU A 798 -17.75 5.73 -4.41
CA GLU A 798 -17.28 6.16 -3.11
C GLU A 798 -18.33 5.91 -2.04
N PHE A 799 -19.60 6.19 -2.35
CA PHE A 799 -20.66 5.98 -1.37
C PHE A 799 -20.82 4.49 -1.05
N LEU A 800 -20.76 3.64 -2.07
CA LEU A 800 -20.90 2.21 -1.84
C LEU A 800 -19.76 1.67 -1.01
N LEU A 801 -18.53 2.11 -1.29
CA LEU A 801 -17.41 1.60 -0.50
C LEU A 801 -17.43 2.16 0.91
N ASN A 802 -17.88 3.41 1.09
CA ASN A 802 -18.01 3.95 2.44
C ASN A 802 -19.05 3.18 3.24
N THR A 803 -20.16 2.79 2.60
CA THR A 803 -21.17 2.03 3.32
C THR A 803 -20.70 0.62 3.64
N LEU A 804 -20.02 -0.03 2.69
CA LEU A 804 -19.51 -1.36 2.96
C LEU A 804 -18.41 -1.34 4.02
N LYS A 805 -17.73 -0.21 4.19
CA LYS A 805 -16.81 -0.08 5.31
C LYS A 805 -17.57 0.16 6.61
N ASP A 806 -18.61 0.99 6.56
CA ASP A 806 -19.37 1.33 7.76
C ASP A 806 -20.05 0.10 8.34
N MET A 807 -20.50 -0.83 7.50
CA MET A 807 -21.14 -2.02 8.03
C MET A 807 -20.18 -2.93 8.78
N GLY A 808 -18.88 -2.69 8.68
CA GLY A 808 -17.88 -3.49 9.36
C GLY A 808 -17.11 -4.46 8.50
N TYR A 809 -17.26 -4.40 7.18
CA TYR A 809 -16.60 -5.31 6.26
C TYR A 809 -15.33 -4.66 5.72
N GLN A 810 -14.24 -5.41 5.70
CA GLN A 810 -13.07 -4.96 4.97
C GLN A 810 -13.26 -5.20 3.48
N THR A 811 -12.75 -4.29 2.66
CA THR A 811 -13.08 -4.28 1.24
C THR A 811 -11.82 -4.33 0.40
N LEU A 812 -12.04 -4.54 -0.90
CA LEU A 812 -10.99 -4.51 -1.92
C LEU A 812 -11.61 -4.08 -3.23
N MET A 813 -10.91 -3.25 -3.98
CA MET A 813 -11.38 -2.82 -5.29
C MET A 813 -10.22 -2.80 -6.27
N CYS A 814 -10.42 -3.35 -7.46
CA CYS A 814 -9.42 -3.31 -8.52
C CYS A 814 -10.03 -2.73 -9.78
N GLY A 815 -9.61 -1.50 -10.12
CA GLY A 815 -10.15 -0.81 -11.26
C GLY A 815 -9.08 -0.12 -12.08
N ASP A 816 -9.32 0.06 -13.37
CA ASP A 816 -8.28 0.57 -14.26
C ASP A 816 -8.27 2.09 -14.34
N GLY A 817 -9.37 2.70 -14.78
CA GLY A 817 -9.38 4.06 -15.24
C GLY A 817 -9.67 5.08 -14.16
N THR A 818 -10.12 6.26 -14.59
CA THR A 818 -10.41 7.37 -13.69
C THR A 818 -11.85 7.40 -13.20
N ASN A 819 -12.68 6.44 -13.63
CA ASN A 819 -14.04 6.37 -13.12
C ASN A 819 -14.05 6.07 -11.62
N ASP A 820 -13.05 5.36 -11.15
CA ASP A 820 -13.08 4.77 -9.81
C ASP A 820 -11.84 5.07 -8.99
N VAL A 821 -11.23 6.26 -9.18
CA VAL A 821 -10.04 6.57 -8.39
C VAL A 821 -10.41 6.92 -6.96
N GLY A 822 -11.55 7.58 -6.76
CA GLY A 822 -12.02 7.84 -5.41
C GLY A 822 -12.33 6.56 -4.67
N ALA A 823 -12.97 5.61 -5.34
CA ALA A 823 -13.23 4.32 -4.72
C ALA A 823 -11.94 3.60 -4.37
N LEU A 824 -10.98 3.60 -5.28
CA LEU A 824 -9.70 2.96 -5.00
C LEU A 824 -9.04 3.59 -3.78
N LYS A 825 -9.18 4.90 -3.59
CA LYS A 825 -8.56 5.52 -2.43
C LYS A 825 -9.37 5.31 -1.16
N GLN A 826 -10.67 5.04 -1.27
CA GLN A 826 -11.48 4.84 -0.07
C GLN A 826 -11.36 3.42 0.48
N ALA A 827 -11.20 2.43 -0.39
CA ALA A 827 -11.20 1.04 0.03
C ALA A 827 -10.01 0.76 0.96
N HIS A 828 -10.13 -0.33 1.73
CA HIS A 828 -9.06 -0.70 2.65
C HIS A 828 -7.78 -1.01 1.89
N VAL A 829 -7.87 -1.84 0.85
CA VAL A 829 -6.75 -2.13 -0.02
C VAL A 829 -7.22 -1.97 -1.46
N GLY A 830 -6.53 -1.13 -2.22
CA GLY A 830 -6.93 -0.82 -3.58
C GLY A 830 -5.86 -1.24 -4.56
N ILE A 831 -6.29 -1.79 -5.70
CA ILE A 831 -5.41 -2.28 -6.74
C ILE A 831 -5.76 -1.58 -8.04
N ALA A 832 -4.76 -1.21 -8.82
CA ALA A 832 -4.97 -0.57 -10.11
C ALA A 832 -4.28 -1.40 -11.17
N LEU A 833 -5.06 -2.02 -12.04
CA LEU A 833 -4.51 -2.89 -13.09
C LEU A 833 -4.12 -2.03 -14.29
N LEU A 834 -2.83 -1.77 -14.44
CA LEU A 834 -2.32 -1.05 -15.61
C LEU A 834 -2.18 -2.05 -16.74
N ASN A 835 -3.07 -1.98 -17.73
CA ASN A 835 -3.04 -2.94 -18.83
C ASN A 835 -1.75 -2.77 -19.63
N GLY A 836 -0.95 -3.83 -19.70
CA GLY A 836 0.30 -3.80 -20.43
C GLY A 836 0.54 -5.14 -21.08
N THR A 837 1.65 -5.21 -21.81
CA THR A 837 2.01 -6.42 -22.55
C THR A 837 3.29 -7.00 -21.97
N GLU A 838 3.33 -8.33 -21.84
CA GLU A 838 4.52 -8.99 -21.34
C GLU A 838 5.72 -8.75 -22.25
N GLU A 839 5.51 -8.77 -23.57
CA GLU A 839 6.60 -8.51 -24.49
C GLU A 839 7.08 -7.07 -24.39
N GLY A 840 6.18 -6.14 -24.07
CA GLY A 840 6.60 -4.77 -23.84
C GLY A 840 7.54 -4.65 -22.65
N LEU A 841 7.20 -5.31 -21.55
CA LEU A 841 8.09 -5.33 -20.40
C LEU A 841 9.40 -6.00 -20.73
N LYS A 842 9.36 -7.06 -21.54
CA LYS A 842 10.60 -7.74 -21.95
C LYS A 842 11.49 -6.79 -22.74
N LYS A 843 10.91 -6.05 -23.69
CA LYS A 843 11.69 -5.11 -24.47
C LYS A 843 12.25 -3.99 -23.60
N LEU A 844 11.44 -3.49 -22.66
CA LEU A 844 11.91 -2.43 -21.77
C LEU A 844 13.06 -2.91 -20.90
N GLY A 845 12.95 -4.12 -20.35
CA GLY A 845 14.02 -4.64 -19.52
C GLY A 845 15.28 -4.91 -20.34
N GLU A 846 15.12 -5.40 -21.57
CA GLU A 846 16.29 -5.61 -22.42
C GLU A 846 16.99 -4.31 -22.75
N GLN A 847 16.22 -3.26 -23.08
CA GLN A 847 16.82 -1.97 -23.35
C GLN A 847 17.51 -1.39 -22.12
N ARG A 848 16.88 -1.55 -20.95
CA ARG A 848 17.50 -1.05 -19.71
C ARG A 848 18.79 -1.81 -19.40
N ARG A 849 18.80 -3.11 -19.63
CA ARG A 849 20.01 -3.89 -19.37
C ARG A 849 21.12 -3.51 -20.35
N LEU A 850 20.79 -3.35 -21.63
CA LEU A 850 21.79 -2.94 -22.61
C LEU A 850 22.31 -1.54 -22.31
N GLU A 851 21.48 -0.66 -21.77
CA GLU A 851 21.94 0.68 -21.43
C GLU A 851 22.83 0.67 -20.19
N ALA A 952 16.22 -4.62 -13.21
CA ALA A 952 14.81 -4.85 -13.00
C ALA A 952 13.98 -3.68 -13.51
N LEU A 953 12.71 -3.63 -13.11
CA LEU A 953 11.78 -2.57 -13.48
C LEU A 953 11.43 -1.81 -12.20
N LYS A 954 12.12 -0.69 -11.98
CA LYS A 954 12.01 0.04 -10.72
C LYS A 954 10.59 0.58 -10.52
N LEU A 955 10.34 1.05 -9.29
CA LEU A 955 9.02 1.57 -8.93
C LEU A 955 8.67 2.82 -9.72
N GLY A 956 9.67 3.55 -10.19
CA GLY A 956 9.47 4.80 -10.90
C GLY A 956 8.42 4.77 -11.99
N ASP A 957 8.26 3.61 -12.66
CA ASP A 957 7.30 3.51 -13.74
C ASP A 957 5.88 3.31 -13.23
N ALA A 958 5.72 2.76 -12.03
CA ALA A 958 4.39 2.56 -11.48
C ALA A 958 3.73 3.90 -11.17
N SER A 959 2.39 3.90 -11.19
CA SER A 959 1.62 5.12 -11.06
C SER A 959 1.35 5.45 -9.60
N CYS A 960 0.59 6.52 -9.38
CA CYS A 960 0.15 6.95 -8.06
C CYS A 960 -1.37 6.94 -7.96
N ALA A 961 -2.01 6.03 -8.70
CA ALA A 961 -3.47 5.99 -8.71
C ALA A 961 -4.04 5.24 -7.51
N ALA A 962 -3.31 4.26 -7.00
CA ALA A 962 -3.79 3.44 -5.90
C ALA A 962 -2.59 2.99 -5.08
N PRO A 963 -2.82 2.48 -3.86
CA PRO A 963 -1.71 1.92 -3.08
C PRO A 963 -0.92 0.88 -3.85
N PHE A 964 -1.58 -0.18 -4.30
CA PHE A 964 -0.93 -1.21 -5.09
C PHE A 964 -1.06 -0.89 -6.58
N THR A 965 -0.22 -1.53 -7.39
CA THR A 965 -0.17 -1.21 -8.82
C THR A 965 0.38 -2.43 -9.57
N SER A 966 -0.49 -3.15 -10.26
CA SER A 966 -0.08 -4.31 -11.04
C SER A 966 0.35 -3.86 -12.43
N LYS A 967 1.62 -4.06 -12.76
CA LYS A 967 2.15 -3.57 -14.02
C LYS A 967 1.68 -4.39 -15.22
N LEU A 968 1.24 -5.62 -14.99
CA LEU A 968 0.76 -6.46 -16.08
C LEU A 968 -0.76 -6.36 -16.21
N ALA A 969 -1.29 -7.16 -17.15
CA ALA A 969 -2.70 -7.07 -17.49
C ALA A 969 -3.58 -8.05 -16.72
N ASN A 970 -3.09 -9.23 -16.41
CA ASN A 970 -3.96 -10.29 -15.92
C ASN A 970 -4.47 -9.98 -14.51
N VAL A 971 -5.57 -10.65 -14.15
CA VAL A 971 -6.29 -10.34 -12.91
C VAL A 971 -5.75 -11.10 -11.71
N SER A 972 -4.78 -11.99 -11.90
CA SER A 972 -4.27 -12.80 -10.80
C SER A 972 -3.56 -11.97 -9.74
N ALA A 973 -3.45 -10.65 -9.96
CA ALA A 973 -2.83 -9.79 -8.95
C ALA A 973 -3.63 -9.80 -7.66
N VAL A 974 -4.95 -9.88 -7.74
CA VAL A 974 -5.78 -9.89 -6.54
C VAL A 974 -5.49 -11.13 -5.71
N THR A 975 -5.52 -12.30 -6.36
CA THR A 975 -5.20 -13.55 -5.67
C THR A 975 -3.79 -13.50 -5.08
N ASN A 976 -2.83 -12.98 -5.84
CA ASN A 976 -1.45 -12.94 -5.35
C ASN A 976 -1.33 -12.08 -4.11
N ILE A 977 -1.95 -10.90 -4.12
CA ILE A 977 -1.89 -10.01 -2.97
C ILE A 977 -2.53 -10.65 -1.75
N ILE A 978 -3.69 -11.28 -1.94
CA ILE A 978 -4.36 -11.92 -0.81
C ILE A 978 -3.50 -13.03 -0.23
N ARG A 979 -2.89 -13.84 -1.09
CA ARG A 979 -2.04 -14.92 -0.61
C ARG A 979 -0.87 -14.39 0.20
N GLN A 980 -0.20 -13.35 -0.29
CA GLN A 980 0.97 -12.85 0.42
C GLN A 980 0.60 -12.23 1.75
N GLY A 981 -0.51 -11.49 1.81
CA GLY A 981 -0.94 -10.94 3.09
C GLY A 981 -1.26 -12.03 4.10
N ARG A 982 -1.97 -13.07 3.65
CA ARG A 982 -2.30 -14.19 4.51
C ARG A 982 -1.04 -14.85 5.08
N CYS A 983 -0.05 -15.07 4.22
CA CYS A 983 1.18 -15.71 4.67
C CYS A 983 1.94 -14.82 5.65
N ALA A 984 1.93 -13.51 5.44
CA ALA A 984 2.59 -12.61 6.38
C ALA A 984 1.96 -12.71 7.77
N LEU A 985 0.63 -12.67 7.83
CA LEU A 985 -0.05 -12.81 9.12
C LEU A 985 0.33 -14.11 9.81
N VAL A 986 0.26 -15.23 9.08
CA VAL A 986 0.47 -16.50 9.76
C VAL A 986 1.93 -16.67 10.18
N ASN A 987 2.87 -16.14 9.40
CA ASN A 987 4.27 -16.19 9.81
C ASN A 987 4.49 -15.40 11.09
N THR A 988 3.88 -14.21 11.20
CA THR A 988 3.98 -13.45 12.43
C THR A 988 3.46 -14.26 13.62
N ILE A 989 2.34 -14.95 13.45
CA ILE A 989 1.78 -15.73 14.55
C ILE A 989 2.78 -16.80 15.01
N GLN A 990 3.31 -17.57 14.06
CA GLN A 990 4.19 -18.66 14.49
C GLN A 990 5.46 -18.11 15.13
N MET A 991 5.97 -16.97 14.65
CA MET A 991 7.18 -16.44 15.26
C MET A 991 6.93 -15.96 16.68
N TYR A 992 5.77 -15.33 16.93
CA TYR A 992 5.40 -14.98 18.30
C TYR A 992 5.47 -16.20 19.21
N LYS A 993 4.79 -17.28 18.81
CA LYS A 993 4.73 -18.45 19.68
C LYS A 993 6.11 -19.02 19.93
N ILE A 994 6.91 -19.15 18.87
CA ILE A 994 8.22 -19.80 19.02
C ILE A 994 9.14 -18.97 19.92
N LEU A 995 9.17 -17.65 19.71
CA LEU A 995 10.03 -16.82 20.53
C LEU A 995 9.63 -16.88 22.01
N ALA A 996 8.33 -16.75 22.30
CA ALA A 996 7.91 -16.79 23.69
C ALA A 996 8.29 -18.11 24.35
N LEU A 997 8.06 -19.23 23.67
CA LEU A 997 8.33 -20.52 24.29
C LEU A 997 9.82 -20.75 24.50
N ASN A 998 10.65 -20.42 23.50
CA ASN A 998 12.08 -20.59 23.68
C ASN A 998 12.59 -19.77 24.85
N CYS A 999 12.12 -18.53 24.97
CA CYS A 999 12.58 -17.67 26.07
C CYS A 999 12.19 -18.25 27.42
N LEU A 1000 10.93 -18.66 27.57
CA LEU A 1000 10.51 -19.20 28.86
C LEU A 1000 11.27 -20.47 29.23
N ILE A 1001 11.50 -21.36 28.26
CA ILE A 1001 12.24 -22.58 28.54
C ILE A 1001 13.66 -22.26 28.98
N SER A 1002 14.33 -21.35 28.26
CA SER A 1002 15.70 -21.01 28.60
C SER A 1002 15.79 -20.40 29.99
N ALA A 1003 14.83 -19.54 30.33
CA ALA A 1003 14.86 -18.89 31.64
C ALA A 1003 14.68 -19.90 32.76
N TYR A 1004 13.70 -20.80 32.63
CA TYR A 1004 13.49 -21.75 33.71
C TYR A 1004 14.62 -22.76 33.81
N SER A 1005 15.26 -23.12 32.69
CA SER A 1005 16.43 -23.98 32.78
C SER A 1005 17.57 -23.29 33.52
N LEU A 1006 17.82 -22.02 33.19
CA LEU A 1006 18.84 -21.26 33.92
C LEU A 1006 18.52 -21.21 35.41
N SER A 1007 17.24 -21.03 35.76
CA SER A 1007 16.87 -20.97 37.17
C SER A 1007 17.16 -22.30 37.86
N ILE A 1008 16.74 -23.41 37.25
CA ILE A 1008 16.96 -24.73 37.83
C ILE A 1008 18.44 -24.99 38.04
N ILE A 1009 19.28 -24.53 37.11
CA ILE A 1009 20.71 -24.80 37.25
C ILE A 1009 21.36 -23.85 38.23
N TYR A 1010 20.83 -22.63 38.37
CA TYR A 1010 21.45 -21.64 39.25
C TYR A 1010 21.03 -21.79 40.69
N MET A 1011 19.94 -22.50 40.99
CA MET A 1011 19.57 -22.72 42.38
C MET A 1011 20.72 -23.33 43.16
N ALA A 1012 21.37 -24.33 42.59
CA ALA A 1012 22.58 -24.90 43.17
C ALA A 1012 23.78 -24.09 42.67
N GLY A 1013 24.99 -24.62 42.88
CA GLY A 1013 26.17 -23.88 42.46
C GLY A 1013 26.41 -23.92 40.97
N VAL A 1014 26.17 -25.07 40.34
CA VAL A 1014 26.72 -25.34 39.02
C VAL A 1014 26.18 -24.36 37.98
N LYS A 1015 27.00 -24.11 36.96
CA LYS A 1015 26.62 -23.25 35.84
C LYS A 1015 27.14 -23.86 34.55
N PHE A 1016 26.58 -23.40 33.43
CA PHE A 1016 27.01 -23.89 32.13
C PHE A 1016 28.44 -23.46 31.83
N GLY A 1017 29.10 -24.19 30.96
CA GLY A 1017 30.40 -23.81 30.49
C GLY A 1017 30.32 -22.71 29.45
N ASP A 1018 31.42 -22.51 28.74
CA ASP A 1018 31.43 -21.54 27.65
C ASP A 1018 31.14 -22.22 26.31
N GLY A 1019 31.86 -23.28 26.01
CA GLY A 1019 31.64 -24.00 24.75
C GLY A 1019 30.25 -24.60 24.67
N GLN A 1020 29.71 -25.06 25.80
CA GLN A 1020 28.36 -25.61 25.80
C GLN A 1020 27.34 -24.55 25.38
N ALA A 1021 27.45 -23.35 25.95
CA ALA A 1021 26.51 -22.30 25.59
C ALA A 1021 26.67 -21.85 24.14
N THR A 1022 27.92 -21.72 23.67
CA THR A 1022 28.13 -21.31 22.29
C THR A 1022 27.60 -22.36 21.31
N VAL A 1023 27.83 -23.65 21.61
CA VAL A 1023 27.34 -24.70 20.74
C VAL A 1023 25.82 -24.73 20.72
N SER A 1024 25.19 -24.53 21.88
CA SER A 1024 23.73 -24.45 21.88
C SER A 1024 23.25 -23.30 21.01
N GLY A 1025 23.88 -22.13 21.13
CA GLY A 1025 23.49 -20.99 20.32
C GLY A 1025 23.61 -21.26 18.84
N LEU A 1026 24.71 -21.89 18.41
CA LEU A 1026 24.87 -22.17 16.98
C LEU A 1026 23.88 -23.21 16.49
N LEU A 1027 23.66 -24.27 17.28
CA LEU A 1027 22.73 -25.31 16.85
C LEU A 1027 21.30 -24.78 16.75
N LEU A 1028 20.97 -23.74 17.53
CA LEU A 1028 19.64 -23.18 17.36
C LEU A 1028 19.57 -22.12 16.26
N SER A 1029 20.66 -21.40 16.03
CA SER A 1029 20.69 -20.49 14.88
C SER A 1029 20.56 -21.25 13.57
N VAL A 1030 21.06 -22.49 13.53
CA VAL A 1030 20.88 -23.31 12.33
C VAL A 1030 19.41 -23.46 11.98
N CYS A 1031 18.56 -23.67 12.99
CA CYS A 1031 17.13 -23.80 12.72
C CYS A 1031 16.50 -22.44 12.43
N PHE A 1032 16.93 -21.39 13.16
CA PHE A 1032 16.41 -20.06 12.87
C PHE A 1032 16.62 -19.67 11.42
N LEU A 1033 17.74 -20.09 10.81
CA LEU A 1033 18.00 -19.75 9.41
C LEU A 1033 16.95 -20.36 8.49
N SER A 1034 16.69 -21.65 8.65
CA SER A 1034 15.81 -22.35 7.71
C SER A 1034 14.35 -21.95 7.91
N ILE A 1035 13.93 -21.76 9.17
CA ILE A 1035 12.49 -21.71 9.45
C ILE A 1035 11.83 -20.53 8.73
N SER A 1036 12.57 -19.46 8.49
CA SER A 1036 11.98 -18.29 7.84
C SER A 1036 11.49 -18.62 6.44
N ARG A 1037 12.20 -19.51 5.75
CA ARG A 1037 11.83 -19.89 4.40
C ARG A 1037 10.58 -20.74 4.39
N GLY A 1038 9.62 -20.39 3.52
CA GLY A 1038 8.42 -21.17 3.35
C GLY A 1038 7.75 -20.82 2.06
N LYS A 1039 6.99 -21.78 1.53
CA LYS A 1039 6.34 -21.60 0.24
C LYS A 1039 4.82 -21.68 0.41
N PRO A 1040 4.08 -20.73 -0.11
CA PRO A 1040 2.62 -20.77 0.04
C PRO A 1040 1.97 -21.70 -0.98
N LEU A 1041 0.84 -22.27 -0.57
CA LEU A 1041 0.07 -23.12 -1.45
C LEU A 1041 -0.54 -22.30 -2.59
N GLU A 1042 -0.76 -22.96 -3.73
CA GLU A 1042 -1.32 -22.25 -4.87
C GLU A 1042 -2.79 -21.88 -4.63
N LYS A 1043 -3.56 -22.81 -4.04
CA LYS A 1043 -4.97 -22.58 -3.81
C LYS A 1043 -5.19 -21.92 -2.46
N LEU A 1044 -6.06 -20.91 -2.43
CA LEU A 1044 -6.45 -20.31 -1.17
C LEU A 1044 -7.37 -21.26 -0.41
N SER A 1045 -7.46 -21.05 0.90
CA SER A 1045 -8.22 -21.92 1.79
C SER A 1045 -9.34 -21.14 2.47
N LYS A 1046 -10.32 -21.88 2.99
CA LYS A 1046 -11.45 -21.25 3.67
C LYS A 1046 -11.08 -20.71 5.03
N GLN A 1047 -9.99 -21.18 5.63
CA GLN A 1047 -9.63 -20.83 6.99
C GLN A 1047 -8.69 -19.64 6.97
N ARG A 1048 -9.18 -18.50 7.45
CA ARG A 1048 -8.33 -17.32 7.39
C ARG A 1048 -7.73 -17.02 8.75
N PRO A 1049 -6.49 -16.54 8.80
CA PRO A 1049 -5.84 -16.32 10.09
C PRO A 1049 -6.37 -15.07 10.76
N GLN A 1050 -6.52 -15.15 12.08
CA GLN A 1050 -6.98 -14.01 12.85
C GLN A 1050 -5.83 -13.12 13.27
N SER A 1051 -6.12 -11.85 13.47
CA SER A 1051 -5.11 -10.88 13.86
C SER A 1051 -5.21 -10.59 15.35
N GLY A 1052 -4.06 -10.27 15.95
CA GLY A 1052 -4.00 -9.99 17.38
C GLY A 1052 -3.06 -10.92 18.12
N ILE A 1053 -2.46 -10.43 19.21
CA ILE A 1053 -1.61 -11.26 20.04
C ILE A 1053 -2.39 -11.93 21.16
N PHE A 1054 -3.40 -11.26 21.70
CA PHE A 1054 -4.19 -11.79 22.79
C PHE A 1054 -5.43 -12.48 22.23
N ASN A 1055 -5.47 -13.80 22.33
CA ASN A 1055 -6.64 -14.59 21.97
C ASN A 1055 -6.47 -15.97 22.60
N VAL A 1056 -7.46 -16.83 22.40
CA VAL A 1056 -7.44 -18.13 23.08
C VAL A 1056 -6.36 -19.01 22.48
N TYR A 1057 -6.16 -18.94 21.17
CA TYR A 1057 -5.22 -19.82 20.49
C TYR A 1057 -3.81 -19.64 21.02
N ILE A 1058 -3.25 -18.43 20.87
CA ILE A 1058 -1.85 -18.21 21.20
C ILE A 1058 -1.60 -18.44 22.69
N MET A 1059 -2.41 -17.81 23.54
CA MET A 1059 -2.16 -17.91 24.98
C MET A 1059 -2.37 -19.34 25.48
N GLY A 1060 -3.41 -20.02 25.01
CA GLY A 1060 -3.63 -21.39 25.42
C GLY A 1060 -2.51 -22.31 24.99
N SER A 1061 -2.12 -22.22 23.72
CA SER A 1061 -1.05 -23.08 23.22
C SER A 1061 0.24 -22.84 23.98
N ILE A 1062 0.62 -21.57 24.15
CA ILE A 1062 1.86 -21.25 24.86
C ILE A 1062 1.82 -21.79 26.28
N LEU A 1063 0.75 -21.48 27.02
CA LEU A 1063 0.70 -21.89 28.42
C LEU A 1063 0.73 -23.40 28.56
N SER A 1064 0.02 -24.13 27.70
CA SER A 1064 -0.05 -25.56 27.91
C SER A 1064 1.25 -26.24 27.49
N GLN A 1065 1.85 -25.83 26.37
CA GLN A 1065 3.16 -26.39 26.02
C GLN A 1065 4.17 -26.11 27.11
N PHE A 1066 4.12 -24.91 27.70
CA PHE A 1066 5.05 -24.61 28.76
C PHE A 1066 4.79 -25.45 30.01
N ALA A 1067 3.52 -25.76 30.29
CA ALA A 1067 3.24 -26.65 31.41
C ALA A 1067 3.85 -28.03 31.18
N VAL A 1068 3.72 -28.55 29.96
CA VAL A 1068 4.32 -29.86 29.66
C VAL A 1068 5.83 -29.82 29.85
N HIS A 1069 6.47 -28.76 29.32
CA HIS A 1069 7.92 -28.67 29.42
C HIS A 1069 8.38 -28.57 30.86
N ILE A 1070 7.66 -27.80 31.69
CA ILE A 1070 8.07 -27.68 33.09
C ILE A 1070 7.85 -29.00 33.83
N ALA A 1071 6.83 -29.76 33.47
CA ALA A 1071 6.66 -31.08 34.08
C ALA A 1071 7.86 -31.97 33.78
N THR A 1072 8.28 -32.03 32.51
CA THR A 1072 9.45 -32.82 32.15
C THR A 1072 10.69 -32.37 32.93
N LEU A 1073 10.91 -31.06 32.99
CA LEU A 1073 12.11 -30.55 33.65
C LEU A 1073 12.12 -30.90 35.14
N VAL A 1074 10.98 -30.75 35.81
CA VAL A 1074 10.90 -31.09 37.23
C VAL A 1074 11.17 -32.58 37.43
N TYR A 1075 10.62 -33.42 36.56
CA TYR A 1075 10.85 -34.86 36.72
C TYR A 1075 12.34 -35.19 36.63
N ILE A 1076 12.99 -34.73 35.58
CA ILE A 1076 14.39 -35.12 35.44
C ILE A 1076 15.26 -34.49 36.53
N THR A 1077 14.90 -33.28 37.00
CA THR A 1077 15.68 -32.70 38.08
C THR A 1077 15.55 -33.51 39.37
N THR A 1078 14.34 -33.98 39.67
CA THR A 1078 14.18 -34.88 40.82
C THR A 1078 15.04 -36.11 40.67
N GLU A 1079 15.05 -36.71 39.48
CA GLU A 1079 15.87 -37.90 39.27
C GLU A 1079 17.35 -37.60 39.49
N ILE A 1080 17.84 -36.50 38.93
CA ILE A 1080 19.25 -36.15 39.04
C ILE A 1080 19.63 -35.95 40.49
N TYR A 1081 18.83 -35.19 41.24
CA TYR A 1081 19.14 -35.00 42.66
C TYR A 1081 19.05 -36.31 43.43
N LYS A 1082 18.27 -37.27 42.93
CA LYS A 1082 18.24 -38.57 43.58
C LYS A 1082 19.53 -39.33 43.35
N LEU A 1083 20.13 -39.22 42.17
CA LEU A 1083 21.33 -39.99 41.87
C LEU A 1083 22.54 -39.46 42.65
N GLU A 1084 22.80 -38.16 42.60
CA GLU A 1084 23.90 -37.56 43.33
C GLU A 1084 23.39 -36.40 44.18
N PRO A 1085 23.69 -36.38 45.47
CA PRO A 1085 23.14 -35.33 46.33
C PRO A 1085 24.08 -34.15 46.51
N ARG A 1086 23.53 -32.95 46.60
CA ARG A 1086 24.30 -31.75 46.90
C ARG A 1086 23.90 -31.23 48.28
N GLU A 1087 24.89 -30.80 49.05
CA GLU A 1087 24.66 -30.33 50.40
C GLU A 1087 24.99 -28.85 50.54
N PRO A 1088 24.26 -28.12 51.37
CA PRO A 1088 24.52 -26.67 51.50
C PRO A 1088 25.86 -26.41 52.15
N GLN A 1089 26.75 -25.77 51.40
CA GLN A 1089 28.06 -25.38 51.87
C GLN A 1089 28.06 -23.90 52.24
N VAL A 1090 29.10 -23.48 52.92
CA VAL A 1090 29.26 -22.08 53.29
C VAL A 1090 30.15 -21.38 52.27
N ASP A 1091 29.73 -20.19 51.85
CA ASP A 1091 30.49 -19.33 50.94
C ASP A 1091 30.77 -20.04 49.61
N LEU A 1092 29.70 -20.33 48.88
CA LEU A 1092 29.83 -20.97 47.59
C LEU A 1092 30.32 -20.00 46.53
N GLU A 1093 30.71 -20.57 45.39
CA GLU A 1093 31.07 -19.81 44.19
C GLU A 1093 30.54 -20.61 43.00
N LYS A 1094 29.72 -19.99 42.17
CA LYS A 1094 29.13 -20.74 41.06
C LYS A 1094 30.21 -20.96 40.02
N GLU A 1095 30.84 -22.13 40.09
CA GLU A 1095 31.93 -22.50 39.20
C GLU A 1095 31.52 -23.67 38.32
N PHE A 1096 32.06 -23.71 37.11
CA PHE A 1096 31.79 -24.81 36.19
C PHE A 1096 32.71 -25.98 36.49
N ALA A 1097 32.12 -27.18 36.58
CA ALA A 1097 32.86 -28.41 36.76
C ALA A 1097 31.96 -29.53 36.25
N PRO A 1098 32.50 -30.49 35.53
CA PRO A 1098 31.65 -31.53 34.93
C PRO A 1098 30.95 -32.36 36.01
N SER A 1099 29.63 -32.41 35.91
CA SER A 1099 28.81 -33.14 36.87
C SER A 1099 27.59 -33.68 36.12
N LEU A 1100 26.70 -34.33 36.87
CA LEU A 1100 25.53 -34.95 36.24
C LEU A 1100 24.44 -33.93 35.97
N LEU A 1101 24.25 -32.97 36.89
CA LEU A 1101 23.17 -32.02 36.75
C LEU A 1101 23.36 -31.14 35.52
N ASN A 1102 24.59 -30.65 35.32
CA ASN A 1102 24.88 -29.82 34.17
C ASN A 1102 24.58 -30.56 32.87
N THR A 1103 25.03 -31.81 32.76
CA THR A 1103 24.76 -32.61 31.56
C THR A 1103 23.27 -32.80 31.33
N GLY A 1104 22.55 -33.26 32.36
CA GLY A 1104 21.13 -33.47 32.21
C GLY A 1104 20.40 -32.23 31.74
N ILE A 1105 20.65 -31.11 32.42
CA ILE A 1105 19.92 -29.88 32.11
C ILE A 1105 20.29 -29.36 30.74
N PHE A 1106 21.57 -29.49 30.35
CA PHE A 1106 21.96 -29.01 29.03
C PHE A 1106 21.28 -29.80 27.92
N ILE A 1107 21.32 -31.14 28.01
CA ILE A 1107 20.70 -31.93 26.97
C ILE A 1107 19.19 -31.66 26.91
N ILE A 1108 18.54 -31.52 28.07
CA ILE A 1108 17.10 -31.29 28.04
C ILE A 1108 16.77 -29.95 27.41
N GLN A 1109 17.49 -28.89 27.78
CA GLN A 1109 17.25 -27.59 27.15
C GLN A 1109 17.42 -27.67 25.63
N LEU A 1110 18.54 -28.24 25.18
CA LEU A 1110 18.81 -28.26 23.75
C LEU A 1110 17.78 -29.10 23.00
N VAL A 1111 17.25 -30.14 23.62
CA VAL A 1111 16.27 -30.96 22.91
C VAL A 1111 14.91 -30.28 22.89
N GLN A 1112 14.53 -29.62 23.99
CA GLN A 1112 13.20 -29.05 24.04
C GLN A 1112 13.07 -27.80 23.18
N GLN A 1113 14.13 -27.02 23.01
CA GLN A 1113 14.02 -25.90 22.08
C GLN A 1113 13.81 -26.37 20.65
N VAL A 1114 14.54 -27.41 20.23
CA VAL A 1114 14.31 -28.02 18.93
C VAL A 1114 12.90 -28.57 18.83
N SER A 1115 12.39 -29.13 19.92
CA SER A 1115 11.03 -29.67 19.91
C SER A 1115 10.01 -28.59 19.66
N THR A 1116 10.17 -27.41 20.27
CA THR A 1116 9.24 -26.33 19.99
C THR A 1116 9.37 -25.84 18.55
N PHE A 1117 10.60 -25.76 18.02
CA PHE A 1117 10.77 -25.45 16.60
C PHE A 1117 9.97 -26.39 15.72
N ALA A 1118 10.01 -27.69 16.02
CA ALA A 1118 9.35 -28.65 15.15
C ALA A 1118 7.85 -28.72 15.37
N VAL A 1119 7.37 -28.38 16.56
CA VAL A 1119 5.94 -28.48 16.85
C VAL A 1119 5.19 -27.24 16.41
N ASN A 1120 5.71 -26.04 16.68
CA ASN A 1120 4.97 -24.82 16.39
C ASN A 1120 5.17 -24.31 14.97
N TYR A 1121 5.58 -25.19 14.04
CA TYR A 1121 5.68 -24.81 12.64
C TYR A 1121 4.31 -24.85 11.99
N GLN A 1122 4.07 -23.89 11.08
CA GLN A 1122 2.77 -23.76 10.46
C GLN A 1122 2.63 -24.72 9.29
N GLY A 1123 1.53 -25.47 9.27
CA GLY A 1123 1.39 -26.63 8.43
C GLY A 1123 0.67 -26.38 7.12
N GLU A 1124 -0.18 -27.34 6.76
CA GLU A 1124 -0.66 -27.44 5.39
C GLU A 1124 -1.57 -26.30 4.95
N PRO A 1125 -2.65 -25.94 5.66
CA PRO A 1125 -3.66 -25.07 5.05
C PRO A 1125 -3.11 -23.74 4.52
N PHE A 1126 -2.02 -23.24 5.08
CA PHE A 1126 -1.47 -21.95 4.67
C PHE A 1126 -0.17 -22.06 3.88
N ARG A 1127 0.70 -23.01 4.19
CA ARG A 1127 1.98 -23.11 3.53
C ARG A 1127 2.30 -24.56 3.18
N GLU A 1128 3.54 -24.84 2.79
CA GLU A 1128 3.92 -26.19 2.41
C GLU A 1128 4.42 -26.94 3.64
N ASN A 1129 4.15 -28.24 3.66
CA ASN A 1129 4.35 -29.03 4.86
C ASN A 1129 5.83 -29.07 5.25
N ILE A 1130 6.09 -29.42 6.51
CA ILE A 1130 7.47 -29.46 7.00
C ILE A 1130 8.28 -30.48 6.24
N ARG A 1131 7.66 -31.62 5.88
CA ARG A 1131 8.39 -32.65 5.16
C ARG A 1131 8.81 -32.18 3.77
N SER A 1132 8.07 -31.23 3.19
CA SER A 1132 8.31 -30.85 1.80
C SER A 1132 9.61 -30.09 1.63
N ASN A 1133 9.81 -29.02 2.40
CA ASN A 1133 11.01 -28.20 2.24
C ASN A 1133 12.17 -28.86 2.98
N LYS A 1134 13.32 -28.94 2.31
CA LYS A 1134 14.44 -29.71 2.83
C LYS A 1134 15.38 -28.89 3.70
N GLY A 1135 15.54 -27.60 3.39
CA GLY A 1135 16.49 -26.78 4.13
C GLY A 1135 16.20 -26.72 5.62
N MET A 1136 14.95 -27.02 6.01
CA MET A 1136 14.55 -27.08 7.41
C MET A 1136 14.42 -28.51 7.92
N TYR A 1137 13.86 -29.39 7.10
CA TYR A 1137 13.73 -30.80 7.49
C TYR A 1137 15.07 -31.40 7.84
N TYR A 1138 16.06 -31.22 6.96
CA TYR A 1138 17.36 -31.83 7.18
C TYR A 1138 18.11 -31.16 8.33
N GLY A 1139 17.94 -29.85 8.49
CA GLY A 1139 18.55 -29.19 9.65
C GLY A 1139 18.01 -29.74 10.97
N LEU A 1140 16.68 -29.89 11.06
CA LEU A 1140 16.09 -30.41 12.27
C LEU A 1140 16.52 -31.85 12.53
N LEU A 1141 16.58 -32.67 11.47
CA LEU A 1141 17.03 -34.05 11.68
C LEU A 1141 18.50 -34.10 12.07
N GLY A 1142 19.33 -33.20 11.54
CA GLY A 1142 20.72 -33.19 11.94
C GLY A 1142 20.89 -32.83 13.41
N VAL A 1143 20.22 -31.77 13.85
CA VAL A 1143 20.35 -31.36 15.24
C VAL A 1143 19.78 -32.42 16.17
N THR A 1144 18.66 -33.04 15.80
CA THR A 1144 18.10 -34.12 16.60
C THR A 1144 19.05 -35.30 16.67
N GLY A 1145 19.71 -35.63 15.55
CA GLY A 1145 20.66 -36.73 15.56
C GLY A 1145 21.83 -36.45 16.49
N LEU A 1146 22.35 -35.23 16.45
CA LEU A 1146 23.45 -34.88 17.36
C LEU A 1146 23.01 -34.99 18.82
N ALA A 1147 21.85 -34.42 19.14
CA ALA A 1147 21.39 -34.42 20.52
C ALA A 1147 21.11 -35.84 21.02
N LEU A 1148 20.56 -36.69 20.16
CA LEU A 1148 20.25 -38.05 20.59
C LEU A 1148 21.49 -38.93 20.64
N ALA A 1149 22.49 -38.66 19.80
CA ALA A 1149 23.76 -39.35 19.96
C ALA A 1149 24.48 -38.92 21.23
N SER A 1150 24.28 -37.68 21.66
CA SER A 1150 24.82 -37.25 22.94
C SER A 1150 24.10 -37.92 24.11
N ALA A 1151 22.76 -37.99 24.03
CA ALA A 1151 21.99 -38.52 25.15
C ALA A 1151 22.15 -40.02 25.30
N THR A 1152 22.44 -40.73 24.21
CA THR A 1152 22.57 -42.18 24.25
C THR A 1152 24.02 -42.63 24.35
N GLU A 1153 24.97 -41.70 24.35
CA GLU A 1153 26.39 -42.02 24.41
C GLU A 1153 26.80 -42.92 23.26
N PHE A 1154 26.30 -42.60 22.07
CA PHE A 1154 26.67 -43.37 20.88
C PHE A 1154 28.15 -43.21 20.56
N LEU A 1155 28.69 -42.02 20.76
CA LEU A 1155 30.10 -41.77 20.58
C LEU A 1155 30.72 -41.31 21.89
N PRO A 1156 31.62 -42.09 22.50
CA PRO A 1156 32.23 -41.63 23.75
C PRO A 1156 33.13 -40.42 23.57
N GLU A 1157 33.82 -40.34 22.42
CA GLU A 1157 34.71 -39.20 22.19
C GLU A 1157 33.92 -37.89 22.10
N LEU A 1158 32.71 -37.95 21.56
CA LEU A 1158 31.90 -36.73 21.46
C LEU A 1158 31.50 -36.23 22.85
N ASN A 1159 31.11 -37.14 23.74
CA ASN A 1159 30.78 -36.73 25.10
C ASN A 1159 32.01 -36.24 25.84
N GLU A 1160 33.14 -36.92 25.67
CA GLU A 1160 34.37 -36.52 26.37
C GLU A 1160 34.85 -35.15 25.89
N ALA A 1161 34.70 -34.86 24.60
CA ALA A 1161 35.21 -33.59 24.07
C ALA A 1161 34.43 -32.41 24.62
N MET A 1162 33.15 -32.60 24.91
CA MET A 1162 32.31 -31.54 25.44
C MET A 1162 32.15 -31.62 26.95
N LYS A 1163 32.90 -32.50 27.61
CA LYS A 1163 32.90 -32.62 29.06
C LYS A 1163 31.52 -32.99 29.60
N PHE A 1164 31.05 -34.15 29.16
CA PHE A 1164 29.81 -34.76 29.63
C PHE A 1164 30.17 -35.95 30.51
N VAL A 1165 29.69 -35.95 31.73
CA VAL A 1165 30.02 -37.04 32.66
C VAL A 1165 29.34 -38.32 32.20
N PRO A 1166 29.96 -39.49 32.35
CA PRO A 1166 29.29 -40.73 31.93
C PRO A 1166 28.05 -40.99 32.77
N MET A 1167 26.95 -41.28 32.08
CA MET A 1167 25.66 -41.53 32.72
C MET A 1167 25.47 -43.01 32.96
N THR A 1168 24.84 -43.34 34.09
CA THR A 1168 24.54 -44.72 34.40
C THR A 1168 23.56 -45.28 33.40
N ASP A 1169 23.66 -46.59 33.14
CA ASP A 1169 22.86 -47.21 32.09
C ASP A 1169 21.37 -47.11 32.36
N ASP A 1170 20.98 -46.96 33.63
CA ASP A 1170 19.56 -46.82 33.94
C ASP A 1170 19.08 -45.39 33.68
N PHE A 1171 19.98 -44.41 33.74
CA PHE A 1171 19.57 -43.02 33.59
C PHE A 1171 19.30 -42.66 32.13
N LYS A 1172 20.03 -43.26 31.19
CA LYS A 1172 19.79 -42.98 29.78
C LYS A 1172 18.36 -43.32 29.39
N ILE A 1173 17.82 -44.41 29.92
CA ILE A 1173 16.47 -44.82 29.56
C ILE A 1173 15.48 -43.75 29.99
N LYS A 1174 15.58 -43.29 31.24
CA LYS A 1174 14.67 -42.26 31.71
C LYS A 1174 14.81 -40.98 30.91
N LEU A 1175 16.04 -40.57 30.61
CA LEU A 1175 16.23 -39.31 29.88
C LEU A 1175 15.64 -39.40 28.49
N THR A 1176 15.95 -40.47 27.75
CA THR A 1176 15.49 -40.59 26.37
C THR A 1176 13.97 -40.74 26.30
N LEU A 1177 13.41 -41.62 27.13
CA LEU A 1177 11.96 -41.75 27.16
C LEU A 1177 11.31 -40.44 27.54
N THR A 1178 11.92 -39.67 28.45
CA THR A 1178 11.32 -38.42 28.88
C THR A 1178 11.25 -37.42 27.73
N LEU A 1179 12.37 -37.24 27.01
CA LEU A 1179 12.34 -36.31 25.87
C LEU A 1179 11.37 -36.78 24.79
N LEU A 1180 11.39 -38.07 24.47
CA LEU A 1180 10.56 -38.58 23.39
C LEU A 1180 9.08 -38.53 23.75
N LEU A 1181 8.75 -38.53 25.04
CA LEU A 1181 7.36 -38.37 25.44
C LEU A 1181 6.97 -36.90 25.53
N ASP A 1182 7.93 -36.05 25.88
CA ASP A 1182 7.70 -34.61 25.90
C ASP A 1182 7.31 -34.11 24.51
N PHE A 1183 8.02 -34.56 23.48
CA PHE A 1183 7.67 -34.11 22.12
C PHE A 1183 6.25 -34.50 21.76
N PHE A 1184 5.85 -35.74 22.06
CA PHE A 1184 4.51 -36.18 21.71
C PHE A 1184 3.44 -35.42 22.48
N GLY A 1185 3.66 -35.19 23.78
CA GLY A 1185 2.69 -34.42 24.54
C GLY A 1185 2.51 -33.02 23.98
N SER A 1186 3.63 -32.34 23.69
CA SER A 1186 3.55 -31.00 23.14
C SER A 1186 2.81 -31.00 21.81
N TRP A 1187 3.13 -31.96 20.94
CA TRP A 1187 2.48 -32.03 19.64
C TRP A 1187 0.97 -32.22 19.78
N GLY A 1188 0.56 -33.14 20.65
CA GLY A 1188 -0.86 -33.38 20.83
C GLY A 1188 -1.59 -32.15 21.33
N VAL A 1189 -1.01 -31.47 22.33
CA VAL A 1189 -1.67 -30.28 22.87
C VAL A 1189 -1.81 -29.20 21.80
N GLU A 1190 -0.73 -28.93 21.09
CA GLU A 1190 -0.80 -27.85 20.10
C GLU A 1190 -1.76 -28.19 18.98
N HIS A 1191 -1.81 -29.46 18.56
CA HIS A 1191 -2.74 -29.85 17.51
C HIS A 1191 -4.19 -29.69 17.98
N PHE A 1192 -4.47 -30.04 19.24
CA PHE A 1192 -5.82 -29.84 19.77
C PHE A 1192 -6.20 -28.36 19.75
N PHE A 1193 -5.34 -27.51 20.32
CA PHE A 1193 -5.68 -26.09 20.39
C PHE A 1193 -5.82 -25.48 19.00
N LYS A 1194 -4.99 -25.91 18.05
CA LYS A 1194 -5.11 -25.42 16.69
C LYS A 1194 -6.41 -25.87 16.04
N PHE A 1195 -6.73 -27.16 16.13
CA PHE A 1195 -7.96 -27.64 15.50
C PHE A 1195 -9.19 -26.99 16.11
N PHE A 1196 -9.11 -26.52 17.35
CA PHE A 1196 -10.33 -25.94 17.91
C PHE A 1196 -10.44 -24.43 17.74
N PHE A 1197 -9.36 -23.68 17.98
CA PHE A 1197 -9.46 -22.22 18.08
C PHE A 1197 -8.64 -21.46 17.04
N MET A 1198 -8.28 -22.07 15.91
CA MET A 1198 -7.32 -21.44 15.02
C MET A 1198 -7.93 -20.27 14.26
N ASP A 1199 -8.98 -20.52 13.47
CA ASP A 1199 -9.44 -19.57 12.46
C ASP A 1199 -10.77 -18.98 12.86
N ASP A 1200 -10.90 -17.67 12.67
CA ASP A 1200 -12.14 -16.98 13.02
C ASP A 1200 -13.20 -17.23 11.94
N LYS A 1201 -14.46 -17.13 12.33
CA LYS A 1201 -15.55 -17.45 11.43
C LYS A 1201 -15.71 -16.35 10.38
N PRO A 1202 -15.95 -16.71 9.12
CA PRO A 1202 -16.20 -15.70 8.09
C PRO A 1202 -17.46 -14.90 8.38
N SER A 1203 -17.61 -13.80 7.65
CA SER A 1203 -18.69 -12.87 7.91
C SER A 1203 -20.02 -13.44 7.45
N ASP A 1204 -21.09 -12.70 7.73
CA ASP A 1204 -22.44 -13.12 7.37
C ASP A 1204 -22.80 -12.77 5.93
N ILE A 1205 -21.83 -12.49 5.08
CA ILE A 1205 -22.11 -12.11 3.69
C ILE A 1205 -21.56 -13.16 2.74
N SER A 1206 -20.52 -13.87 3.16
CA SER A 1206 -19.83 -14.80 2.27
C SER A 1206 -20.31 -16.24 2.50
N VAL A 1207 -21.59 -16.45 2.26
CA VAL A 1207 -22.18 -17.78 2.25
C VAL A 1207 -22.85 -17.99 0.90
N GLN A 1208 -22.89 -19.25 0.44
CA GLN A 1208 -23.37 -19.58 -0.89
C GLN A 1208 -24.63 -20.42 -0.76
N GLN A 1209 -25.77 -19.89 -1.22
CA GLN A 1209 -27.03 -20.64 -1.17
C GLN A 1209 -28.04 -19.96 -2.08
N VAL A 1210 -28.91 -20.77 -2.67
CA VAL A 1210 -30.02 -20.28 -3.48
C VAL A 1210 -31.02 -21.41 -3.63
N LYS A 1211 -32.29 -21.07 -3.81
CA LYS A 1211 -33.35 -22.07 -3.93
C LYS A 1211 -33.82 -22.21 -5.37
#